data_4M1J
#
_entry.id   4M1J
#
_cell.length_a   120.948
_cell.length_b   166.433
_cell.length_c   94.208
_cell.angle_alpha   90.000
_cell.angle_beta   90.000
_cell.angle_gamma   90.000
#
_symmetry.space_group_name_H-M   'C 2 2 21'
#
loop_
_entity.id
_entity.type
_entity.pdbx_description
1 polymer 'Acyl-homoserine lactone acylase PvdQ subunit beta'
2 polymer 'Acyl-homoserine lactone acylase PvdQ subunit alpha'
3 non-polymer 'tridecylboronic acid'
4 non-polymer GLYCEROL
5 water water
#
loop_
_entity_poly.entity_id
_entity_poly.type
_entity_poly.pdbx_seq_one_letter_code
_entity_poly.pdbx_strand_id
1 'polypeptide(L)'
;SNAIAVGSERSADGKGMLLANPHFPWNGAMRFYQMHLTIPGRLDVMGASLPGLPVVNIGFSRHLAWTHTVDTSSHFTLYR
LALDPKDPRRYLVDGRSLPLEEKSVAIEVRGADGKLSRVEHKVYQSIYGPLVVWPGKLDWNRSEAYALRDANLENTRVLQ
QWYSINQASDVADLRRRVEALQGIPWVNTLAADEQGNALYMNQSVVPYLKPELIPACAIPQLVAEGLPALQGQDSRCAWS
RDPAAAQAGITPAAQLPVLLRRDFVQNSNDSAWLTNPASPLQGFSPLVSQEKPIGPRARYALSRLQGKQPLEAKTLEEMV
TANHVFSADQVLPDLLRLCRDNQGEKSLARACAALAQWDRGANLDSGSGFVYFQRFMQRFAELDGAWKEPFDAQRPLDTP
QGIALDRPQVATQVRQALADAAAEVEKSGIPDGARWGDLQVSTRGQERIAIPGGDGHFGVYNAIQSVRKGDHLEVVGGTS
YIQLVTFPEEGPKARGLLAFSQSSDPRSPHYRDQTELFSRQQWQTLPFSDRQIDADPQLQRLSIREAA
;
C
2 'polypeptide(L)'
;PTGLAADIRWTAYGVPHIRAKDERGLGYGIGYAYARDNACLLAEEIVTARGERARYFGSEGKSSAELDNLPSDIFYAWLN
QPEALQAFWQAQTPAVRQLLEGYAAGFNRFLREADGKTTSCLGQPWLRAIATDDLLRLTRRLLVEGGVGQFADALVAAAP
PGAEK
;
A
#
# COMPACT_ATOMS: atom_id res chain seq x y z
N SER A 1 -0.05 -4.71 -5.41
CA SER A 1 1.27 -5.25 -5.30
C SER A 1 1.31 -6.68 -5.80
N ASN A 2 2.69 -7.05 -6.46
CA ASN A 2 3.04 -8.40 -6.68
C ASN A 2 4.25 -8.75 -5.86
N ALA A 3 4.37 -10.00 -5.54
CA ALA A 3 5.59 -10.52 -4.94
C ALA A 3 5.77 -11.96 -5.39
N ILE A 4 6.97 -12.31 -5.80
CA ILE A 4 7.31 -13.70 -6.13
C ILE A 4 8.62 -14.07 -5.46
N ALA A 5 8.59 -15.16 -4.71
CA ALA A 5 9.82 -15.70 -4.13
C ALA A 5 10.05 -17.06 -4.75
N VAL A 6 11.27 -17.28 -5.24
CA VAL A 6 11.60 -18.55 -5.90
C VAL A 6 12.69 -19.26 -5.12
N GLY A 7 12.60 -20.58 -5.01
CA GLY A 7 13.56 -21.32 -4.21
C GLY A 7 14.45 -22.24 -5.02
N SER A 8 15.25 -23.03 -4.32
CA SER A 8 16.29 -23.87 -4.95
C SER A 8 15.76 -24.87 -5.97
N GLU A 9 14.50 -25.28 -5.84
CA GLU A 9 13.95 -26.29 -6.74
C GLU A 9 13.53 -25.73 -8.10
N ARG A 10 13.42 -24.40 -8.20
CA ARG A 10 12.95 -23.79 -9.45
C ARG A 10 13.88 -22.72 -10.02
N SER A 11 14.74 -22.15 -9.19
CA SER A 11 15.63 -21.09 -9.68
C SER A 11 16.71 -21.69 -10.57
N ALA A 12 17.11 -20.95 -11.60
CA ALA A 12 18.11 -21.46 -12.54
C ALA A 12 19.47 -21.72 -11.88
N ASP A 13 19.75 -21.03 -10.77
CA ASP A 13 21.04 -21.21 -10.09
C ASP A 13 20.98 -22.10 -8.85
N GLY A 14 19.77 -22.55 -8.50
CA GLY A 14 19.61 -23.39 -7.34
C GLY A 14 19.61 -22.62 -6.04
N LYS A 15 19.53 -21.29 -6.14
CA LYS A 15 19.52 -20.43 -4.95
C LYS A 15 18.21 -19.66 -4.89
N GLY A 16 18.06 -18.79 -3.89
CA GLY A 16 16.84 -18.01 -3.78
C GLY A 16 16.80 -16.81 -4.70
N MET A 17 15.58 -16.35 -4.97
CA MET A 17 15.38 -15.19 -5.82
C MET A 17 14.07 -14.52 -5.43
N LEU A 18 14.06 -13.19 -5.40
CA LEU A 18 12.85 -12.46 -5.04
C LEU A 18 12.54 -11.31 -5.98
N LEU A 19 11.31 -11.26 -6.45
CA LEU A 19 10.81 -10.10 -7.16
C LEU A 19 9.85 -9.33 -6.27
N ALA A 20 10.16 -8.05 -6.04
CA ALA A 20 9.28 -7.17 -5.27
C ALA A 20 8.68 -6.13 -6.19
N ASN A 21 7.36 -6.12 -6.30
CA ASN A 21 6.67 -5.13 -7.12
C ASN A 21 5.47 -4.51 -6.38
N PRO A 22 5.74 -3.77 -5.30
CA PRO A 22 4.62 -3.12 -4.59
C PRO A 22 3.92 -2.07 -5.46
N HIS A 23 2.62 -1.90 -5.30
CA HIS A 23 1.87 -0.89 -6.04
C HIS A 23 1.35 0.13 -5.03
N PHE A 24 1.90 1.34 -5.07
CA PHE A 24 1.63 2.31 -4.02
C PHE A 24 1.62 3.72 -4.61
N PRO A 25 1.17 4.73 -3.83
CA PRO A 25 1.03 6.07 -4.41
C PRO A 25 2.33 6.68 -4.92
N TRP A 26 2.20 7.55 -5.92
CA TRP A 26 3.37 8.24 -6.48
C TRP A 26 3.64 9.58 -5.78
N ASN A 27 2.83 9.89 -4.78
CA ASN A 27 2.97 11.13 -4.01
C ASN A 27 2.52 10.91 -2.57
N GLY A 28 2.89 11.80 -1.67
CA GLY A 28 2.30 11.82 -0.35
C GLY A 28 2.93 10.93 0.70
N ALA A 29 2.17 10.61 1.74
CA ALA A 29 2.73 9.96 2.93
C ALA A 29 3.12 8.50 2.73
N MET A 30 2.78 7.93 1.58
CA MET A 30 3.16 6.54 1.29
C MET A 30 4.10 6.42 0.09
N ARG A 31 4.81 7.51 -0.20
CA ARG A 31 5.75 7.54 -1.32
CA ARG A 31 5.74 7.53 -1.33
C ARG A 31 7.08 6.88 -0.95
N PHE A 32 7.40 5.75 -1.57
CA PHE A 32 8.64 5.02 -1.22
C PHE A 32 9.91 5.84 -1.49
N TYR A 33 10.95 5.54 -0.71
CA TYR A 33 12.24 6.20 -0.82
C TYR A 33 13.35 5.19 -0.60
N GLN A 34 14.34 5.18 -1.49
CA GLN A 34 15.43 4.21 -1.40
C GLN A 34 16.49 4.63 -0.40
N MET A 35 17.00 3.67 0.35
CA MET A 35 18.16 3.93 1.19
C MET A 35 18.84 2.64 1.59
N HIS A 36 20.11 2.76 1.95
CA HIS A 36 20.94 1.64 2.41
C HIS A 36 21.48 2.04 3.79
N LEU A 37 21.26 1.17 4.79
CA LEU A 37 21.62 1.44 6.18
C LEU A 37 22.68 0.47 6.65
N THR A 38 23.72 0.98 7.30
CA THR A 38 24.78 0.12 7.81
C THR A 38 25.28 0.56 9.18
N ILE A 39 25.25 -0.35 10.15
CA ILE A 39 25.98 -0.16 11.40
C ILE A 39 26.98 -1.31 11.37
N PRO A 40 28.23 -1.02 10.96
CA PRO A 40 29.16 -2.10 10.61
C PRO A 40 29.27 -3.15 11.71
N GLY A 41 29.16 -4.41 11.31
CA GLY A 41 29.26 -5.49 12.26
C GLY A 41 27.93 -6.10 12.63
N ARG A 42 26.84 -5.34 12.51
CA ARG A 42 25.54 -5.86 12.98
C ARG A 42 24.30 -5.45 12.20
N LEU A 43 24.42 -4.50 11.27
CA LEU A 43 23.28 -4.12 10.44
C LEU A 43 23.77 -3.73 9.06
N ASP A 44 23.21 -4.34 8.02
CA ASP A 44 23.56 -3.95 6.66
C ASP A 44 22.43 -4.34 5.75
N VAL A 45 21.57 -3.37 5.44
CA VAL A 45 20.33 -3.65 4.74
C VAL A 45 20.04 -2.52 3.76
N MET A 46 19.44 -2.86 2.62
CA MET A 46 19.13 -1.85 1.60
C MET A 46 17.75 -2.10 1.02
N GLY A 47 17.04 -1.04 0.69
CA GLY A 47 15.77 -1.20 0.02
C GLY A 47 15.07 0.14 -0.04
N ALA A 48 13.79 0.14 0.32
CA ALA A 48 13.01 1.36 0.30
C ALA A 48 12.06 1.41 1.47
N SER A 49 11.66 2.62 1.82
CA SER A 49 10.87 2.85 3.02
C SER A 49 9.85 3.95 2.79
N LEU A 50 8.91 4.08 3.73
CA LEU A 50 7.88 5.09 3.65
C LEU A 50 8.34 6.34 4.40
N PRO A 51 7.82 7.54 4.01
CA PRO A 51 8.31 8.80 4.59
C PRO A 51 8.21 8.84 6.11
N GLY A 52 9.29 9.25 6.75
CA GLY A 52 9.30 9.44 8.19
C GLY A 52 9.83 8.25 8.98
N LEU A 53 9.98 7.09 8.33
CA LEU A 53 10.39 5.87 9.05
C LEU A 53 11.89 5.59 8.91
N PRO A 54 12.60 5.49 10.04
CA PRO A 54 14.05 5.26 10.02
C PRO A 54 14.41 3.78 9.97
N VAL A 55 13.68 3.03 9.15
CA VAL A 55 13.95 1.61 8.91
C VAL A 55 13.72 1.31 7.44
N VAL A 56 14.27 0.20 6.94
CA VAL A 56 13.97 -0.25 5.58
C VAL A 56 12.69 -1.10 5.59
N ASN A 57 11.71 -0.75 4.75
CA ASN A 57 10.44 -1.50 4.75
C ASN A 57 10.41 -2.70 3.83
N ILE A 58 10.98 -2.55 2.64
CA ILE A 58 11.11 -3.64 1.65
C ILE A 58 12.56 -3.62 1.21
N GLY A 59 13.26 -4.75 1.26
CA GLY A 59 14.67 -4.68 0.98
C GLY A 59 15.41 -5.99 0.93
N PHE A 60 16.72 -5.93 1.17
CA PHE A 60 17.52 -7.14 1.13
C PHE A 60 18.78 -6.93 1.94
N SER A 61 19.41 -8.03 2.31
CA SER A 61 20.68 -7.98 3.03
C SER A 61 21.61 -9.05 2.46
N ARG A 62 22.69 -9.38 3.16
CA ARG A 62 23.68 -10.32 2.63
C ARG A 62 23.09 -11.65 2.13
N HIS A 63 22.16 -12.23 2.88
CA HIS A 63 21.64 -13.56 2.52
C HIS A 63 20.13 -13.60 2.34
N LEU A 64 19.48 -12.45 2.37
CA LEU A 64 18.02 -12.45 2.45
C LEU A 64 17.42 -11.29 1.65
N ALA A 65 16.26 -11.52 1.03
CA ALA A 65 15.47 -10.44 0.44
C ALA A 65 14.04 -10.64 0.86
N TRP A 66 13.32 -9.54 1.12
CA TRP A 66 11.91 -9.67 1.50
C TRP A 66 11.10 -8.52 0.94
N THR A 67 9.79 -8.72 0.88
CA THR A 67 8.91 -7.66 0.43
C THR A 67 7.53 -7.89 1.02
N HIS A 68 6.60 -7.02 0.69
CA HIS A 68 5.28 -7.10 1.29
C HIS A 68 4.22 -6.82 0.24
N THR A 69 3.02 -7.33 0.50
CA THR A 69 1.83 -6.97 -0.30
C THR A 69 0.67 -6.75 0.67
N VAL A 70 -0.29 -5.88 0.34
CA VAL A 70 -1.44 -5.71 1.21
C VAL A 70 -2.27 -7.00 1.25
N ASP A 71 -2.63 -7.44 2.45
CA ASP A 71 -3.33 -8.71 2.59
C ASP A 71 -4.84 -8.55 2.55
N THR A 72 -5.56 -9.68 2.62
CA THR A 72 -7.02 -9.66 2.62
C THR A 72 -7.60 -9.86 4.01
N SER A 73 -6.72 -9.98 5.00
CA SER A 73 -7.14 -10.19 6.38
C SER A 73 -7.79 -8.92 6.94
N SER A 74 -8.68 -9.08 7.91
CA SER A 74 -9.29 -7.92 8.55
C SER A 74 -8.38 -7.45 9.66
N HIS A 75 -8.26 -6.13 9.83
CA HIS A 75 -7.38 -5.58 10.87
C HIS A 75 -8.15 -4.72 11.84
N PHE A 76 -9.47 -4.89 11.82
CA PHE A 76 -10.39 -4.18 12.70
C PHE A 76 -11.69 -4.98 12.69
N THR A 77 -12.60 -4.67 13.60
CA THR A 77 -13.98 -5.14 13.44
C THR A 77 -14.93 -3.99 13.70
N LEU A 78 -16.04 -3.96 12.97
CA LEU A 78 -17.14 -3.08 13.33
C LEU A 78 -17.92 -3.80 14.42
N TYR A 79 -18.57 -3.03 15.29
CA TYR A 79 -19.48 -3.60 16.26
C TYR A 79 -20.82 -2.90 16.11
N ARG A 80 -21.86 -3.67 15.85
CA ARG A 80 -23.19 -3.09 15.79
C ARG A 80 -23.71 -2.95 17.21
N LEU A 81 -24.01 -1.71 17.60
CA LEU A 81 -24.50 -1.46 18.95
C LEU A 81 -26.01 -1.53 18.97
N ALA A 82 -26.55 -2.09 20.06
CA ALA A 82 -27.98 -2.04 20.31
C ALA A 82 -28.20 -0.85 21.24
N LEU A 83 -28.90 0.18 20.77
CA LEU A 83 -29.07 1.38 21.56
C LEU A 83 -30.14 1.25 22.66
N ASP A 84 -29.94 1.98 23.74
CA ASP A 84 -30.92 2.08 24.82
C ASP A 84 -32.19 2.70 24.24
N PRO A 85 -33.32 1.98 24.34
CA PRO A 85 -34.57 2.47 23.75
C PRO A 85 -35.00 3.82 24.30
N LYS A 86 -34.49 4.19 25.48
CA LYS A 86 -34.79 5.47 26.10
C LYS A 86 -33.78 6.58 25.82
N ASP A 87 -32.63 6.22 25.23
CA ASP A 87 -31.54 7.19 25.06
C ASP A 87 -30.55 6.73 23.98
N PRO A 88 -30.58 7.36 22.80
CA PRO A 88 -29.70 6.96 21.68
C PRO A 88 -28.22 7.30 21.89
N ARG A 89 -27.85 7.86 23.03
CA ARG A 89 -26.44 8.08 23.37
C ARG A 89 -25.99 7.06 24.40
N ARG A 90 -26.84 6.06 24.62
CA ARG A 90 -26.49 4.94 25.49
C ARG A 90 -26.68 3.65 24.71
N TYR A 91 -25.89 2.63 25.06
CA TYR A 91 -25.99 1.35 24.34
C TYR A 91 -25.96 0.17 25.31
N LEU A 92 -26.54 -0.94 24.86
CA LEU A 92 -26.75 -2.10 25.73
C LEU A 92 -25.69 -3.18 25.55
N VAL A 93 -25.07 -3.60 26.65
CA VAL A 93 -24.22 -4.79 26.62
C VAL A 93 -24.73 -5.75 27.68
N ASP A 94 -25.05 -6.98 27.28
CA ASP A 94 -25.72 -7.96 28.15
C ASP A 94 -26.92 -7.34 28.87
N GLY A 95 -27.67 -6.52 28.14
CA GLY A 95 -28.92 -5.96 28.62
C GLY A 95 -28.76 -4.73 29.49
N ARG A 96 -27.50 -4.33 29.72
CA ARG A 96 -27.20 -3.23 30.62
C ARG A 96 -26.87 -1.98 29.83
N SER A 97 -27.47 -0.86 30.20
CA SER A 97 -27.30 0.38 29.46
C SER A 97 -26.02 1.12 29.86
N LEU A 98 -25.14 1.35 28.88
CA LEU A 98 -23.86 2.03 29.12
C LEU A 98 -23.85 3.38 28.40
N PRO A 99 -23.23 4.40 29.02
CA PRO A 99 -23.14 5.71 28.37
C PRO A 99 -22.01 5.76 27.37
N LEU A 100 -22.22 6.45 26.24
CA LEU A 100 -21.10 6.73 25.35
C LEU A 100 -20.18 7.74 26.02
N GLU A 101 -18.89 7.64 25.74
CA GLU A 101 -17.93 8.66 26.13
C GLU A 101 -17.84 9.72 25.05
N GLU A 102 -17.58 10.96 25.47
CA GLU A 102 -17.43 12.06 24.54
C GLU A 102 -16.04 12.64 24.69
N LYS A 103 -15.38 12.84 23.56
CA LYS A 103 -14.07 13.46 23.56
C LYS A 103 -14.14 14.57 22.52
N SER A 104 -13.95 15.80 22.97
CA SER A 104 -13.96 16.93 22.05
C SER A 104 -12.54 17.26 21.61
N VAL A 105 -12.37 17.57 20.33
CA VAL A 105 -11.09 18.06 19.84
C VAL A 105 -11.34 19.47 19.33
N ALA A 106 -10.33 20.32 19.41
CA ALA A 106 -10.47 21.67 18.88
C ALA A 106 -9.46 21.91 17.77
N ILE A 107 -9.93 22.50 16.68
CA ILE A 107 -9.12 22.69 15.48
C ILE A 107 -9.12 24.17 15.13
N GLU A 108 -7.98 24.70 14.73
CA GLU A 108 -7.92 26.09 14.27
C GLU A 108 -8.10 26.12 12.77
N VAL A 109 -8.92 27.06 12.28
CA VAL A 109 -9.23 27.13 10.87
C VAL A 109 -8.93 28.53 10.36
N ARG A 110 -8.12 28.60 9.31
CA ARG A 110 -7.77 29.88 8.69
C ARG A 110 -8.91 30.32 7.80
N GLY A 111 -9.46 31.50 8.08
CA GLY A 111 -10.64 31.96 7.39
C GLY A 111 -10.32 32.77 6.15
N ALA A 112 -11.37 33.22 5.46
CA ALA A 112 -11.22 34.09 4.31
C ALA A 112 -10.46 35.36 4.69
N ASP A 113 -10.69 35.87 5.90
CA ASP A 113 -9.99 37.06 6.37
C ASP A 113 -8.51 36.79 6.67
N GLY A 114 -8.13 35.52 6.72
CA GLY A 114 -6.74 35.16 6.97
C GLY A 114 -6.47 34.96 8.45
N LYS A 115 -7.51 35.13 9.25
CA LYS A 115 -7.42 34.94 10.70
C LYS A 115 -7.88 33.54 11.11
N LEU A 116 -7.49 33.12 12.31
CA LEU A 116 -7.86 31.78 12.78
C LEU A 116 -9.14 31.80 13.59
N SER A 117 -10.00 30.81 13.35
CA SER A 117 -11.15 30.57 14.21
C SER A 117 -11.01 29.18 14.80
N ARG A 118 -11.58 28.98 15.99
CA ARG A 118 -11.50 27.69 16.67
C ARG A 118 -12.79 26.90 16.43
N VAL A 119 -12.65 25.66 16.00
CA VAL A 119 -13.80 24.78 15.77
C VAL A 119 -13.72 23.60 16.72
N GLU A 120 -14.79 23.33 17.46
CA GLU A 120 -14.77 22.18 18.37
C GLU A 120 -15.65 21.08 17.80
N HIS A 121 -15.25 19.83 18.00
CA HIS A 121 -15.98 18.72 17.43
C HIS A 121 -16.00 17.56 18.42
N LYS A 122 -17.18 17.00 18.65
CA LYS A 122 -17.33 15.89 19.59
C LYS A 122 -17.15 14.56 18.91
N VAL A 123 -16.26 13.72 19.44
CA VAL A 123 -16.09 12.35 18.97
C VAL A 123 -16.69 11.41 20.00
N TYR A 124 -17.74 10.68 19.61
CA TYR A 124 -18.37 9.73 20.52
C TYR A 124 -17.67 8.38 20.47
N GLN A 125 -17.48 7.79 21.65
CA GLN A 125 -16.73 6.55 21.78
C GLN A 125 -17.48 5.54 22.64
N SER A 126 -17.34 4.27 22.28
CA SER A 126 -17.89 3.19 23.08
C SER A 126 -16.72 2.41 23.67
N ILE A 127 -17.02 1.35 24.42
CA ILE A 127 -15.98 0.48 24.95
C ILE A 127 -15.16 -0.15 23.83
N TYR A 128 -15.73 -0.23 22.63
CA TYR A 128 -15.03 -0.83 21.48
C TYR A 128 -14.15 0.18 20.72
N GLY A 129 -14.48 1.45 20.85
CA GLY A 129 -13.86 2.44 19.98
C GLY A 129 -14.87 3.46 19.50
N PRO A 130 -14.42 4.36 18.61
CA PRO A 130 -15.27 5.46 18.14
C PRO A 130 -16.42 4.99 17.29
N LEU A 131 -17.51 5.75 17.32
CA LEU A 131 -18.62 5.45 16.44
C LEU A 131 -18.34 5.94 15.03
N VAL A 132 -18.91 5.25 14.04
CA VAL A 132 -18.72 5.59 12.64
C VAL A 132 -20.07 5.55 11.93
N VAL A 133 -20.26 6.47 10.99
CA VAL A 133 -21.49 6.53 10.20
C VAL A 133 -21.20 6.53 8.69
N TRP A 134 -21.84 5.60 7.98
CA TRP A 134 -21.87 5.58 6.52
C TRP A 134 -23.32 5.79 6.17
N PRO A 135 -23.71 7.00 5.75
CA PRO A 135 -25.14 7.25 5.51
C PRO A 135 -25.73 6.23 4.54
N GLY A 136 -26.84 5.62 4.93
CA GLY A 136 -27.49 4.65 4.07
C GLY A 136 -27.06 3.21 4.29
N LYS A 137 -26.06 2.99 5.14
CA LYS A 137 -25.62 1.63 5.42
C LYS A 137 -25.28 1.41 6.89
N LEU A 138 -24.43 2.27 7.45
CA LEU A 138 -24.13 2.22 8.88
C LEU A 138 -24.62 3.51 9.51
N ASP A 139 -25.90 3.58 9.82
CA ASP A 139 -26.46 4.82 10.33
C ASP A 139 -26.36 4.84 11.86
N TRP A 140 -26.64 5.99 12.45
CA TRP A 140 -26.79 6.08 13.90
C TRP A 140 -28.21 6.60 14.09
N ASN A 141 -29.13 5.69 14.34
CA ASN A 141 -30.53 6.09 14.52
C ASN A 141 -30.95 5.84 15.96
N ARG A 142 -32.24 5.62 16.23
CA ARG A 142 -32.61 5.40 17.63
C ARG A 142 -32.56 3.94 18.01
N SER A 143 -32.21 3.08 17.06
CA SER A 143 -32.18 1.64 17.29
C SER A 143 -30.75 1.11 17.36
N GLU A 144 -29.90 1.62 16.47
CA GLU A 144 -28.57 1.06 16.35
C GLU A 144 -27.55 2.09 15.94
N ALA A 145 -26.29 1.81 16.25
CA ALA A 145 -25.18 2.59 15.74
C ALA A 145 -24.00 1.62 15.58
N TYR A 146 -22.90 2.08 15.01
CA TYR A 146 -21.75 1.20 14.79
C TYR A 146 -20.49 1.79 15.38
N ALA A 147 -19.71 0.96 16.08
CA ALA A 147 -18.42 1.38 16.60
C ALA A 147 -17.33 0.62 15.86
N LEU A 148 -16.09 1.11 15.92
CA LEU A 148 -15.00 0.43 15.21
C LEU A 148 -13.84 0.17 16.15
N ARG A 149 -13.45 -1.10 16.27
CA ARG A 149 -12.26 -1.45 17.05
C ARG A 149 -11.10 -1.79 16.10
N ASP A 150 -10.06 -0.96 16.11
CA ASP A 150 -8.91 -1.11 15.24
C ASP A 150 -7.82 -1.85 16.02
N ALA A 151 -7.37 -2.98 15.48
CA ALA A 151 -6.41 -3.81 16.22
C ALA A 151 -5.03 -3.19 16.27
N ASN A 152 -4.72 -2.32 15.32
CA ASN A 152 -3.38 -1.73 15.30
C ASN A 152 -3.16 -0.50 16.19
N LEU A 153 -4.24 0.04 16.76
CA LEU A 153 -4.09 1.12 17.73
C LEU A 153 -3.25 0.70 18.93
N GLU A 154 -3.29 -0.57 19.32
CA GLU A 154 -2.44 -1.02 20.41
C GLU A 154 -1.16 -1.71 19.93
N ASN A 155 -0.91 -1.68 18.62
CA ASN A 155 0.33 -2.22 18.10
C ASN A 155 1.47 -1.21 18.21
N THR A 156 2.12 -1.19 19.37
CA THR A 156 3.24 -0.28 19.57
C THR A 156 4.52 -0.92 19.06
N ARG A 157 4.42 -2.10 18.46
CA ARG A 157 5.60 -2.87 18.11
C ARG A 157 6.02 -2.69 16.66
N VAL A 158 5.34 -1.80 15.93
CA VAL A 158 5.50 -1.76 14.48
C VAL A 158 6.88 -1.32 14.00
N LEU A 159 7.48 -0.32 14.65
CA LEU A 159 8.81 0.13 14.25
C LEU A 159 9.86 -0.90 14.64
N GLN A 160 9.73 -1.43 15.84
CA GLN A 160 10.65 -2.47 16.31
CA GLN A 160 10.62 -2.49 16.33
C GLN A 160 10.60 -3.67 15.35
N GLN A 161 9.42 -3.96 14.83
CA GLN A 161 9.26 -5.09 13.93
C GLN A 161 10.08 -4.97 12.66
N TRP A 162 10.03 -3.80 12.01
CA TRP A 162 10.85 -3.63 10.81
C TRP A 162 12.32 -3.51 11.12
N TYR A 163 12.65 -2.91 12.26
CA TYR A 163 14.06 -2.86 12.66
C TYR A 163 14.56 -4.28 12.86
N SER A 164 13.71 -5.14 13.42
CA SER A 164 14.09 -6.54 13.59
C SER A 164 14.22 -7.24 12.24
N ILE A 165 13.28 -7.01 11.34
CA ILE A 165 13.38 -7.58 9.99
C ILE A 165 14.69 -7.14 9.33
N ASN A 166 15.06 -5.88 9.53
CA ASN A 166 16.29 -5.35 8.94
C ASN A 166 17.54 -6.10 9.43
N GLN A 167 17.42 -6.73 10.60
CA GLN A 167 18.54 -7.46 11.20
C GLN A 167 18.52 -8.96 10.89
N ALA A 168 17.50 -9.42 10.17
CA ALA A 168 17.33 -10.86 9.93
C ALA A 168 18.41 -11.43 9.01
N SER A 169 18.84 -12.65 9.29
CA SER A 169 19.90 -13.28 8.52
C SER A 169 19.37 -14.03 7.31
N ASP A 170 18.42 -14.93 7.53
CA ASP A 170 17.86 -15.73 6.45
C ASP A 170 16.35 -15.89 6.65
N VAL A 171 15.72 -16.75 5.86
CA VAL A 171 14.27 -16.89 5.89
C VAL A 171 13.77 -17.45 7.23
N ALA A 172 14.47 -18.45 7.77
CA ALA A 172 14.11 -19.00 9.08
C ALA A 172 14.18 -17.93 10.17
N ASP A 173 15.22 -17.11 10.12
CA ASP A 173 15.40 -16.05 11.12
C ASP A 173 14.32 -14.99 10.96
N LEU A 174 14.02 -14.64 9.71
CA LEU A 174 12.95 -13.70 9.41
C LEU A 174 11.62 -14.18 9.98
N ARG A 175 11.29 -15.44 9.75
CA ARG A 175 10.06 -16.00 10.28
C ARG A 175 10.02 -15.96 11.81
N ARG A 176 11.11 -16.35 12.47
CA ARG A 176 11.14 -16.30 13.92
C ARG A 176 10.88 -14.88 14.41
N ARG A 177 11.52 -13.90 13.77
CA ARG A 177 11.45 -12.51 14.23
C ARG A 177 10.07 -11.89 14.04
N VAL A 178 9.38 -12.27 12.98
CA VAL A 178 8.04 -11.74 12.71
C VAL A 178 7.02 -12.43 13.62
N GLU A 179 7.12 -13.76 13.73
CA GLU A 179 6.18 -14.49 14.58
C GLU A 179 6.35 -14.13 16.07
N ALA A 180 7.57 -13.80 16.48
CA ALA A 180 7.81 -13.49 17.88
C ALA A 180 7.16 -12.18 18.29
N LEU A 181 7.26 -11.18 17.42
CA LEU A 181 6.83 -9.83 17.77
C LEU A 181 5.41 -9.50 17.32
N GLN A 182 4.98 -10.08 16.20
CA GLN A 182 3.67 -9.78 15.62
C GLN A 182 3.39 -8.29 15.49
N GLY A 183 4.33 -7.56 14.92
CA GLY A 183 4.19 -6.13 14.81
C GLY A 183 3.82 -5.65 13.42
N ILE A 184 3.65 -6.56 12.47
CA ILE A 184 3.26 -6.16 11.10
C ILE A 184 1.77 -5.82 11.02
N PRO A 185 1.43 -4.60 10.59
CA PRO A 185 0.04 -4.16 10.72
C PRO A 185 -0.93 -4.72 9.67
N TRP A 186 -0.58 -4.62 8.39
CA TRP A 186 -1.58 -4.95 7.38
C TRP A 186 -1.06 -5.49 6.06
N VAL A 187 0.08 -6.15 6.11
CA VAL A 187 0.65 -6.73 4.89
C VAL A 187 1.09 -8.17 5.08
N ASN A 188 1.08 -8.91 3.98
CA ASN A 188 1.79 -10.17 3.87
C ASN A 188 3.28 -9.92 3.81
N THR A 189 4.06 -10.97 4.03
CA THR A 189 5.51 -10.91 3.85
C THR A 189 5.96 -12.07 2.98
N LEU A 190 6.75 -11.78 1.95
CA LEU A 190 7.32 -12.84 1.12
C LEU A 190 8.83 -12.65 1.08
N ALA A 191 9.57 -13.75 1.09
CA ALA A 191 11.01 -13.67 1.21
C ALA A 191 11.71 -14.84 0.55
N ALA A 192 12.97 -14.62 0.16
CA ALA A 192 13.80 -15.72 -0.30
C ALA A 192 15.19 -15.53 0.28
N ASP A 193 15.90 -16.62 0.50
CA ASP A 193 17.27 -16.49 1.00
C ASP A 193 18.28 -17.19 0.09
N GLU A 194 19.57 -16.97 0.35
CA GLU A 194 20.61 -17.54 -0.50
C GLU A 194 20.55 -19.07 -0.57
N GLN A 195 20.20 -19.72 0.53
CA GLN A 195 20.18 -21.19 0.57
C GLN A 195 18.99 -21.75 -0.22
N GLY A 196 18.10 -20.87 -0.68
CA GLY A 196 17.05 -21.30 -1.59
C GLY A 196 15.69 -21.60 -0.98
N ASN A 197 15.40 -21.00 0.17
CA ASN A 197 14.06 -21.12 0.75
C ASN A 197 13.18 -20.00 0.22
N ALA A 198 11.91 -20.30 -0.05
CA ALA A 198 10.92 -19.30 -0.42
C ALA A 198 9.81 -19.27 0.62
N LEU A 199 9.58 -18.11 1.23
CA LEU A 199 8.65 -17.99 2.35
C LEU A 199 7.48 -17.06 2.03
N TYR A 200 6.26 -17.50 2.35
CA TYR A 200 5.10 -16.62 2.40
C TYR A 200 4.56 -16.59 3.84
N MET A 201 4.30 -15.39 4.36
CA MET A 201 3.65 -15.25 5.65
C MET A 201 2.50 -14.25 5.56
N ASN A 202 1.33 -14.68 6.03
CA ASN A 202 0.16 -13.82 6.24
C ASN A 202 0.22 -13.49 7.72
N GLN A 203 1.37 -12.98 8.17
CA GLN A 203 1.60 -12.74 9.58
C GLN A 203 1.46 -11.26 9.91
N SER A 204 0.25 -10.88 10.30
CA SER A 204 -0.06 -9.50 10.63
C SER A 204 -0.95 -9.45 11.86
N VAL A 205 -1.38 -8.25 12.22
CA VAL A 205 -2.19 -8.04 13.41
C VAL A 205 -3.67 -8.18 13.08
N VAL A 206 -4.28 -9.27 13.50
CA VAL A 206 -5.66 -9.61 13.09
C VAL A 206 -6.52 -9.91 14.31
N PRO A 207 -7.71 -9.27 14.42
CA PRO A 207 -8.61 -9.52 15.55
C PRO A 207 -8.91 -11.02 15.69
N TYR A 208 -8.83 -11.54 16.90
CA TYR A 208 -9.01 -12.96 17.12
C TYR A 208 -10.39 -13.26 17.71
N LEU A 209 -11.10 -14.18 17.09
CA LEU A 209 -12.32 -14.71 17.69
C LEU A 209 -12.21 -16.23 17.62
N LYS A 210 -12.40 -16.90 18.75
CA LYS A 210 -12.40 -18.36 18.74
C LYS A 210 -13.47 -18.84 17.78
N PRO A 211 -13.18 -19.92 17.03
CA PRO A 211 -14.02 -20.40 15.93
C PRO A 211 -15.48 -20.64 16.30
N GLU A 212 -15.73 -21.12 17.52
CA GLU A 212 -17.10 -21.42 17.92
C GLU A 212 -17.95 -20.18 18.19
N LEU A 213 -17.31 -19.01 18.21
CA LEU A 213 -18.01 -17.75 18.48
C LEU A 213 -18.48 -17.06 17.20
N ILE A 214 -17.84 -17.40 16.09
CA ILE A 214 -18.05 -16.69 14.83
C ILE A 214 -19.48 -16.73 14.25
N PRO A 215 -20.12 -17.92 14.17
CA PRO A 215 -21.48 -17.95 13.65
C PRO A 215 -22.44 -17.01 14.38
N ALA A 216 -22.38 -16.98 15.71
CA ALA A 216 -23.33 -16.16 16.47
C ALA A 216 -22.85 -14.72 16.64
N CYS A 217 -21.54 -14.49 16.57
CA CYS A 217 -21.05 -13.13 16.78
C CYS A 217 -21.00 -12.27 15.53
N ALA A 218 -21.02 -12.89 14.36
CA ALA A 218 -21.00 -12.13 13.11
C ALA A 218 -22.35 -11.45 12.82
N ILE A 219 -22.33 -10.33 12.10
CA ILE A 219 -23.55 -9.75 11.54
C ILE A 219 -23.66 -10.30 10.12
N PRO A 220 -24.58 -11.26 9.90
CA PRO A 220 -24.64 -12.04 8.65
C PRO A 220 -24.68 -11.17 7.39
N GLN A 221 -25.56 -10.16 7.38
CA GLN A 221 -25.69 -9.27 6.23
C GLN A 221 -24.38 -8.57 5.87
N LEU A 222 -23.64 -8.15 6.88
CA LEU A 222 -22.44 -7.35 6.64
C LEU A 222 -21.21 -8.17 6.27
N VAL A 223 -21.02 -9.35 6.86
CA VAL A 223 -19.86 -10.16 6.52
C VAL A 223 -20.01 -10.75 5.12
N ALA A 224 -21.25 -10.90 4.67
CA ALA A 224 -21.50 -11.35 3.30
C ALA A 224 -20.93 -10.37 2.30
N GLU A 225 -20.88 -9.10 2.68
CA GLU A 225 -20.29 -8.05 1.84
C GLU A 225 -18.80 -7.85 2.15
N GLY A 226 -18.24 -8.62 3.06
CA GLY A 226 -16.83 -8.51 3.37
C GLY A 226 -16.49 -7.41 4.36
N LEU A 227 -17.45 -7.04 5.19
CA LEU A 227 -17.17 -6.14 6.31
C LEU A 227 -17.03 -6.98 7.56
N PRO A 228 -15.94 -6.79 8.31
CA PRO A 228 -15.79 -7.56 9.56
C PRO A 228 -16.64 -6.94 10.65
N ALA A 229 -17.86 -7.44 10.80
CA ALA A 229 -18.81 -6.81 11.71
C ALA A 229 -19.27 -7.80 12.75
N LEU A 230 -19.31 -7.36 14.01
CA LEU A 230 -19.70 -8.25 15.11
C LEU A 230 -20.84 -7.67 15.93
N GLN A 231 -21.50 -8.53 16.71
CA GLN A 231 -22.62 -8.13 17.57
C GLN A 231 -22.08 -7.44 18.81
N GLY A 232 -22.29 -6.12 18.90
CA GLY A 232 -21.73 -5.36 20.00
C GLY A 232 -22.59 -5.28 21.25
N GLN A 233 -23.68 -6.05 21.29
CA GLN A 233 -24.57 -6.08 22.47
C GLN A 233 -24.37 -7.32 23.35
N ASP A 234 -23.35 -8.12 23.03
CA ASP A 234 -23.08 -9.37 23.72
C ASP A 234 -21.62 -9.34 24.16
N SER A 235 -21.37 -9.42 25.46
CA SER A 235 -19.98 -9.36 25.96
C SER A 235 -19.16 -10.56 25.48
N ARG A 236 -19.85 -11.63 25.06
CA ARG A 236 -19.17 -12.84 24.58
C ARG A 236 -18.55 -12.63 23.20
N CYS A 237 -18.90 -11.52 22.55
CA CYS A 237 -18.36 -11.19 21.23
C CYS A 237 -17.13 -10.28 21.28
N ALA A 238 -16.57 -10.13 22.47
CA ALA A 238 -15.28 -9.43 22.61
C ALA A 238 -14.21 -10.27 21.94
N TRP A 239 -13.17 -9.63 21.41
CA TRP A 239 -12.06 -10.40 20.82
C TRP A 239 -11.52 -11.34 21.88
N SER A 240 -11.21 -12.56 21.45
CA SER A 240 -10.79 -13.62 22.36
C SER A 240 -9.36 -13.39 22.82
N ARG A 241 -9.06 -13.82 24.05
CA ARG A 241 -7.71 -13.71 24.59
C ARG A 241 -6.98 -15.03 24.44
N ASP A 242 -5.69 -14.96 24.12
CA ASP A 242 -4.87 -16.16 24.05
C ASP A 242 -3.47 -15.73 24.46
N PRO A 243 -2.93 -16.35 25.52
CA PRO A 243 -1.64 -15.92 26.06
C PRO A 243 -0.50 -16.00 25.06
N ALA A 244 -0.64 -16.82 24.01
CA ALA A 244 0.42 -16.93 23.00
C ALA A 244 0.47 -15.72 22.07
N ALA A 245 -0.60 -14.94 22.01
CA ALA A 245 -0.59 -13.74 21.16
C ALA A 245 0.26 -12.63 21.77
N ALA A 246 0.91 -11.85 20.91
CA ALA A 246 1.79 -10.80 21.38
C ALA A 246 1.03 -9.63 21.96
N GLN A 247 -0.26 -9.56 21.66
CA GLN A 247 -1.08 -8.42 22.03
C GLN A 247 -2.47 -8.94 22.34
N ALA A 248 -3.08 -8.45 23.42
CA ALA A 248 -4.38 -8.98 23.85
C ALA A 248 -5.45 -8.79 22.77
N GLY A 249 -6.12 -9.88 22.41
CA GLY A 249 -7.19 -9.80 21.43
C GLY A 249 -6.78 -10.06 19.99
N ILE A 250 -5.49 -10.27 19.73
CA ILE A 250 -5.07 -10.59 18.36
C ILE A 250 -4.83 -12.08 18.16
N THR A 251 -4.78 -12.49 16.90
CA THR A 251 -4.66 -13.90 16.56
C THR A 251 -3.21 -14.35 16.78
N PRO A 252 -3.02 -15.44 17.53
CA PRO A 252 -1.66 -15.94 17.74
C PRO A 252 -1.01 -16.38 16.42
N ALA A 253 0.32 -16.28 16.35
CA ALA A 253 1.05 -16.54 15.11
C ALA A 253 0.78 -17.92 14.53
N ALA A 254 0.64 -18.92 15.40
CA ALA A 254 0.42 -20.29 14.95
C ALA A 254 -0.88 -20.49 14.17
N GLN A 255 -1.80 -19.54 14.28
CA GLN A 255 -3.09 -19.65 13.60
C GLN A 255 -3.16 -18.80 12.33
N LEU A 256 -2.02 -18.27 11.90
CA LEU A 256 -1.97 -17.44 10.70
C LEU A 256 -1.20 -18.16 9.60
N PRO A 257 -1.60 -17.95 8.34
CA PRO A 257 -1.03 -18.76 7.25
C PRO A 257 0.46 -18.54 7.05
N VAL A 258 1.21 -19.63 6.97
CA VAL A 258 2.61 -19.58 6.57
C VAL A 258 2.87 -20.71 5.58
N LEU A 259 3.60 -20.41 4.51
CA LEU A 259 4.03 -21.43 3.57
C LEU A 259 5.52 -21.32 3.31
N LEU A 260 6.25 -22.38 3.63
CA LEU A 260 7.70 -22.42 3.43
C LEU A 260 7.99 -23.51 2.42
N ARG A 261 8.50 -23.12 1.26
CA ARG A 261 8.73 -24.10 0.21
C ARG A 261 10.07 -23.87 -0.47
N ARG A 262 10.44 -24.78 -1.38
CA ARG A 262 11.66 -24.60 -2.14
C ARG A 262 11.39 -24.39 -3.63
N ASP A 263 10.12 -24.33 -4.02
CA ASP A 263 9.81 -24.01 -5.42
C ASP A 263 9.46 -22.54 -5.65
N PHE A 264 8.24 -22.14 -5.29
CA PHE A 264 7.90 -20.72 -5.30
C PHE A 264 6.72 -20.42 -4.38
N VAL A 265 6.58 -19.14 -4.02
CA VAL A 265 5.34 -18.62 -3.49
C VAL A 265 5.09 -17.30 -4.18
N GLN A 266 3.82 -16.90 -4.29
CA GLN A 266 3.50 -15.61 -4.89
C GLN A 266 2.30 -15.00 -4.20
N ASN A 267 2.15 -13.68 -4.33
CA ASN A 267 0.92 -13.03 -3.92
C ASN A 267 0.70 -11.76 -4.71
N SER A 268 -0.54 -11.54 -5.12
CA SER A 268 -0.96 -10.31 -5.79
C SER A 268 -2.24 -9.79 -5.16
N ASN A 269 -2.24 -9.73 -3.83
CA ASN A 269 -3.33 -9.19 -3.01
C ASN A 269 -4.57 -10.05 -2.86
N ASP A 270 -4.55 -11.30 -3.31
CA ASP A 270 -5.61 -12.22 -2.93
C ASP A 270 -5.27 -12.83 -1.59
N SER A 271 -6.13 -13.70 -1.07
CA SER A 271 -5.87 -14.32 0.23
C SER A 271 -4.73 -15.32 0.11
N ALA A 272 -4.40 -15.95 1.23
CA ALA A 272 -3.32 -16.92 1.30
C ALA A 272 -3.59 -18.17 0.47
N TRP A 273 -4.87 -18.39 0.15
CA TRP A 273 -5.34 -19.65 -0.44
C TRP A 273 -4.42 -20.27 -1.51
N LEU A 274 -4.15 -19.54 -2.58
CA LEU A 274 -3.42 -20.14 -3.71
C LEU A 274 -2.04 -19.52 -3.87
N THR A 275 -1.41 -19.19 -2.74
CA THR A 275 -0.02 -18.76 -2.73
C THR A 275 0.86 -19.69 -3.58
N ASN A 276 0.67 -21.00 -3.40
CA ASN A 276 1.16 -21.99 -4.35
C ASN A 276 0.13 -23.08 -4.42
N PRO A 277 -0.53 -23.21 -5.59
CA PRO A 277 -1.66 -24.14 -5.77
C PRO A 277 -1.31 -25.58 -5.45
N ALA A 278 -0.03 -25.93 -5.48
CA ALA A 278 0.38 -27.30 -5.15
C ALA A 278 0.15 -27.60 -3.67
N SER A 279 0.06 -26.53 -2.88
CA SER A 279 -0.17 -26.64 -1.45
C SER A 279 -1.12 -25.54 -0.97
N PRO A 280 -2.42 -25.70 -1.25
CA PRO A 280 -3.43 -24.69 -0.91
C PRO A 280 -3.49 -24.42 0.60
N LEU A 281 -3.65 -23.16 0.97
CA LEU A 281 -3.78 -22.78 2.37
C LEU A 281 -5.26 -22.60 2.71
N GLN A 282 -5.77 -23.50 3.56
CA GLN A 282 -7.20 -23.52 3.89
C GLN A 282 -7.43 -23.70 5.38
N GLY A 283 -8.68 -23.53 5.80
CA GLY A 283 -9.08 -23.83 7.17
C GLY A 283 -8.89 -22.70 8.18
N PHE A 284 -8.67 -21.49 7.69
CA PHE A 284 -8.45 -20.33 8.56
C PHE A 284 -9.74 -19.57 8.87
N SER A 285 -9.69 -18.74 9.90
CA SER A 285 -10.81 -17.86 10.24
C SER A 285 -11.16 -16.99 9.03
N PRO A 286 -12.44 -16.69 8.86
CA PRO A 286 -12.81 -15.79 7.76
C PRO A 286 -12.20 -14.39 7.92
N LEU A 287 -11.80 -14.03 9.14
CA LEU A 287 -11.13 -12.76 9.37
C LEU A 287 -9.69 -12.81 8.87
N VAL A 288 -9.23 -14.00 8.52
CA VAL A 288 -7.82 -14.19 8.19
C VAL A 288 -7.61 -14.47 6.72
N SER A 289 -8.28 -15.50 6.21
CA SER A 289 -8.09 -15.90 4.82
C SER A 289 -9.26 -16.75 4.34
N GLN A 290 -9.80 -16.42 3.17
CA GLN A 290 -10.90 -17.18 2.59
C GLN A 290 -10.57 -17.64 1.18
N GLU A 291 -11.27 -18.68 0.73
CA GLU A 291 -11.05 -19.22 -0.61
C GLU A 291 -11.90 -18.50 -1.64
N LYS A 292 -11.48 -17.28 -1.98
CA LYS A 292 -12.20 -16.46 -2.96
C LYS A 292 -11.50 -16.59 -4.30
N PRO A 293 -12.26 -16.39 -5.40
CA PRO A 293 -11.63 -16.43 -6.72
C PRO A 293 -10.48 -15.42 -6.81
N ILE A 294 -9.35 -15.83 -7.37
CA ILE A 294 -8.21 -14.92 -7.42
C ILE A 294 -8.37 -13.87 -8.52
N GLY A 295 -7.67 -12.75 -8.38
CA GLY A 295 -7.68 -11.68 -9.36
C GLY A 295 -6.79 -12.01 -10.54
N PRO A 296 -6.90 -11.23 -11.62
CA PRO A 296 -6.16 -11.55 -12.84
C PRO A 296 -4.65 -11.39 -12.71
N ARG A 297 -4.15 -10.53 -11.82
CA ARG A 297 -2.70 -10.45 -11.67
C ARG A 297 -2.14 -11.78 -11.15
N ALA A 298 -2.78 -12.34 -10.14
CA ALA A 298 -2.34 -13.62 -9.60
C ALA A 298 -2.54 -14.74 -10.60
N ARG A 299 -3.68 -14.74 -11.28
CA ARG A 299 -3.94 -15.75 -12.29
C ARG A 299 -2.85 -15.67 -13.36
N TYR A 300 -2.48 -14.44 -13.74
CA TYR A 300 -1.37 -14.25 -14.69
C TYR A 300 -0.05 -14.81 -14.16
N ALA A 301 0.29 -14.45 -12.92
CA ALA A 301 1.54 -14.92 -12.35
C ALA A 301 1.59 -16.45 -12.31
N LEU A 302 0.52 -17.07 -11.83
CA LEU A 302 0.50 -18.52 -11.74
C LEU A 302 0.60 -19.18 -13.12
N SER A 303 0.09 -18.52 -14.15
CA SER A 303 0.16 -19.06 -15.49
C SER A 303 1.60 -19.09 -15.98
N ARG A 304 2.43 -18.19 -15.46
CA ARG A 304 3.83 -18.13 -15.87
C ARG A 304 4.70 -18.99 -14.96
N LEU A 305 4.27 -19.16 -13.73
CA LEU A 305 5.12 -19.78 -12.70
C LEU A 305 4.98 -21.29 -12.64
N GLN A 306 3.78 -21.79 -12.92
CA GLN A 306 3.53 -23.21 -12.77
C GLN A 306 4.25 -24.05 -13.80
N GLY A 307 4.62 -25.27 -13.43
CA GLY A 307 5.37 -26.13 -14.32
C GLY A 307 6.74 -26.45 -13.77
N LYS A 308 7.62 -26.92 -14.64
CA LYS A 308 8.89 -27.48 -14.20
C LYS A 308 10.11 -26.77 -14.74
N GLN A 309 9.91 -25.79 -15.62
CA GLN A 309 11.06 -25.08 -16.18
C GLN A 309 11.67 -24.14 -15.16
N PRO A 310 13.01 -24.05 -15.16
CA PRO A 310 13.69 -23.17 -14.21
C PRO A 310 13.29 -21.72 -14.43
N LEU A 311 13.31 -20.92 -13.37
CA LEU A 311 12.97 -19.53 -13.48
C LEU A 311 14.26 -18.70 -13.39
N GLU A 312 14.46 -17.82 -14.36
CA GLU A 312 15.61 -16.92 -14.37
C GLU A 312 15.19 -15.55 -13.86
N ALA A 313 16.16 -14.75 -13.40
CA ALA A 313 15.89 -13.36 -13.06
C ALA A 313 15.16 -12.67 -14.22
N LYS A 314 15.67 -12.87 -15.42
CA LYS A 314 15.07 -12.25 -16.60
C LYS A 314 13.59 -12.61 -16.77
N THR A 315 13.23 -13.84 -16.42
CA THR A 315 11.83 -14.25 -16.50
C THR A 315 10.95 -13.38 -15.61
N LEU A 316 11.39 -13.15 -14.38
CA LEU A 316 10.61 -12.35 -13.43
C LEU A 316 10.55 -10.88 -13.85
N GLU A 317 11.68 -10.35 -14.31
CA GLU A 317 11.69 -8.97 -14.81
C GLU A 317 10.67 -8.79 -15.92
N GLU A 318 10.66 -9.72 -16.87
CA GLU A 318 9.81 -9.57 -18.05
C GLU A 318 8.33 -9.82 -17.75
N MET A 319 8.02 -10.46 -16.63
CA MET A 319 6.63 -10.55 -16.18
C MET A 319 6.11 -9.15 -15.86
N VAL A 320 7.00 -8.28 -15.39
CA VAL A 320 6.64 -6.88 -15.18
C VAL A 320 6.69 -6.09 -16.49
N THR A 321 7.82 -6.15 -17.20
CA THR A 321 8.06 -5.25 -18.32
C THR A 321 7.30 -5.61 -19.60
N ALA A 322 6.69 -6.79 -19.66
CA ALA A 322 5.87 -7.13 -20.84
C ALA A 322 4.59 -6.31 -20.94
N ASN A 323 4.13 -5.80 -19.82
CA ASN A 323 2.87 -5.05 -19.76
C ASN A 323 1.70 -5.78 -20.39
N HIS A 324 1.65 -7.09 -20.20
CA HIS A 324 0.58 -7.88 -20.81
C HIS A 324 -0.75 -7.64 -20.10
N VAL A 325 -1.80 -7.36 -20.86
CA VAL A 325 -3.12 -7.14 -20.28
C VAL A 325 -3.83 -8.50 -20.19
N PHE A 326 -3.64 -9.19 -19.07
CA PHE A 326 -4.04 -10.60 -18.95
C PHE A 326 -5.54 -10.82 -19.02
N SER A 327 -6.32 -9.82 -18.61
CA SER A 327 -7.77 -9.94 -18.72
C SER A 327 -8.22 -10.16 -20.16
N ALA A 328 -7.44 -9.68 -21.11
CA ALA A 328 -7.80 -9.86 -22.52
C ALA A 328 -7.81 -11.34 -22.90
N ASP A 329 -6.93 -12.13 -22.27
CA ASP A 329 -6.87 -13.56 -22.56
C ASP A 329 -8.20 -14.27 -22.32
N GLN A 330 -9.00 -13.75 -21.39
CA GLN A 330 -10.29 -14.36 -21.06
C GLN A 330 -11.45 -13.91 -21.95
N VAL A 331 -11.41 -12.68 -22.45
CA VAL A 331 -12.57 -12.16 -23.18
C VAL A 331 -12.30 -11.72 -24.63
N LEU A 332 -11.07 -11.32 -24.94
CA LEU A 332 -10.76 -10.79 -26.28
C LEU A 332 -10.99 -11.76 -27.46
N PRO A 333 -10.61 -13.04 -27.32
CA PRO A 333 -10.88 -13.94 -28.45
C PRO A 333 -12.36 -13.99 -28.84
N ASP A 334 -13.24 -14.19 -27.85
CA ASP A 334 -14.67 -14.25 -28.13
C ASP A 334 -15.22 -12.89 -28.53
N LEU A 335 -14.65 -11.82 -27.98
CA LEU A 335 -15.04 -10.47 -28.35
C LEU A 335 -14.76 -10.19 -29.83
N LEU A 336 -13.57 -10.59 -30.29
CA LEU A 336 -13.20 -10.42 -31.70
C LEU A 336 -14.11 -11.23 -32.63
N ARG A 337 -14.57 -12.37 -32.14
CA ARG A 337 -15.51 -13.19 -32.90
C ARG A 337 -16.86 -12.48 -33.05
N LEU A 338 -17.28 -11.79 -32.00
CA LEU A 338 -18.48 -10.96 -32.06
C LEU A 338 -18.29 -9.85 -33.08
N CYS A 339 -17.11 -9.24 -33.07
CA CYS A 339 -16.76 -8.21 -34.06
C CYS A 339 -16.91 -8.76 -35.49
N ARG A 340 -16.37 -9.95 -35.73
CA ARG A 340 -16.44 -10.57 -37.06
C ARG A 340 -17.87 -10.93 -37.47
N ASP A 341 -18.70 -11.26 -36.47
CA ASP A 341 -20.10 -11.57 -36.74
C ASP A 341 -20.94 -10.32 -36.99
N ASN A 342 -20.31 -9.16 -36.87
CA ASN A 342 -21.03 -7.89 -36.93
C ASN A 342 -20.38 -6.81 -37.80
N GLN A 343 -19.67 -7.20 -38.85
CA GLN A 343 -19.16 -6.20 -39.78
C GLN A 343 -20.36 -5.57 -40.46
N GLY A 344 -20.23 -4.30 -40.83
CA GLY A 344 -21.39 -3.61 -41.39
C GLY A 344 -22.24 -2.99 -40.31
N GLU A 345 -21.99 -3.36 -39.05
CA GLU A 345 -22.52 -2.60 -37.94
C GLU A 345 -21.54 -1.45 -37.77
N LYS A 346 -21.86 -0.34 -38.41
CA LYS A 346 -20.93 0.78 -38.52
C LYS A 346 -20.50 1.34 -37.17
N SER A 347 -21.36 1.21 -36.17
CA SER A 347 -21.08 1.73 -34.83
C SER A 347 -19.96 0.95 -34.13
N LEU A 348 -19.65 -0.24 -34.63
CA LEU A 348 -18.65 -1.10 -34.00
C LEU A 348 -17.34 -1.15 -34.79
N ALA A 349 -17.35 -0.52 -35.97
CA ALA A 349 -16.26 -0.66 -36.93
C ALA A 349 -14.89 -0.22 -36.40
N ARG A 350 -14.80 0.99 -35.88
CA ARG A 350 -13.54 1.52 -35.39
C ARG A 350 -13.03 0.73 -34.19
N ALA A 351 -13.94 0.46 -33.26
CA ALA A 351 -13.63 -0.33 -32.08
C ALA A 351 -13.08 -1.70 -32.47
N CYS A 352 -13.77 -2.37 -33.37
CA CYS A 352 -13.37 -3.72 -33.79
C CYS A 352 -11.99 -3.73 -34.47
N ALA A 353 -11.74 -2.76 -35.34
CA ALA A 353 -10.43 -2.64 -35.98
C ALA A 353 -9.32 -2.41 -34.95
N ALA A 354 -9.56 -1.49 -34.01
CA ALA A 354 -8.57 -1.17 -33.01
C ALA A 354 -8.27 -2.36 -32.11
N LEU A 355 -9.32 -3.10 -31.75
CA LEU A 355 -9.15 -4.29 -30.91
C LEU A 355 -8.39 -5.39 -31.66
N ALA A 356 -8.64 -5.51 -32.96
CA ALA A 356 -7.99 -6.54 -33.77
C ALA A 356 -6.48 -6.29 -33.97
N GLN A 357 -6.10 -5.02 -34.06
CA GLN A 357 -4.71 -4.65 -34.32
C GLN A 357 -3.91 -4.56 -33.02
N TRP A 358 -4.63 -4.57 -31.90
CA TRP A 358 -4.05 -4.36 -30.59
C TRP A 358 -3.09 -5.47 -30.19
N ASP A 359 -1.95 -5.10 -29.61
CA ASP A 359 -0.93 -6.07 -29.20
C ASP A 359 -1.22 -6.69 -27.83
N ARG A 360 -2.41 -6.43 -27.31
CA ARG A 360 -2.87 -6.95 -26.00
C ARG A 360 -1.98 -6.46 -24.84
N GLY A 361 -1.33 -5.32 -25.03
CA GLY A 361 -0.41 -4.80 -24.03
C GLY A 361 -0.74 -3.39 -23.55
N ALA A 362 -0.06 -2.98 -22.49
CA ALA A 362 -0.12 -1.61 -22.00
C ALA A 362 1.26 -0.97 -22.14
N ASN A 363 1.91 -1.26 -23.25
CA ASN A 363 3.19 -0.65 -23.61
C ASN A 363 3.01 0.78 -24.10
N LEU A 364 4.09 1.54 -24.15
CA LEU A 364 4.03 2.92 -24.65
C LEU A 364 3.46 2.96 -26.05
N ASP A 365 3.79 1.95 -26.86
CA ASP A 365 3.34 1.92 -28.24
C ASP A 365 2.12 1.03 -28.49
N SER A 366 1.50 0.52 -27.44
CA SER A 366 0.25 -0.21 -27.60
C SER A 366 -0.80 0.73 -28.19
N GLY A 367 -1.62 0.22 -29.10
CA GLY A 367 -2.60 1.05 -29.79
C GLY A 367 -3.87 1.30 -29.00
N SER A 368 -4.78 2.07 -29.58
CA SER A 368 -6.00 2.49 -28.89
C SER A 368 -6.93 1.32 -28.53
N GLY A 369 -6.64 0.13 -29.06
CA GLY A 369 -7.36 -1.07 -28.66
C GLY A 369 -7.39 -1.27 -27.14
N PHE A 370 -6.35 -0.84 -26.45
CA PHE A 370 -6.31 -0.94 -24.99
C PHE A 370 -7.41 -0.07 -24.38
N VAL A 371 -7.55 1.15 -24.89
CA VAL A 371 -8.56 2.07 -24.37
C VAL A 371 -9.97 1.52 -24.62
N TYR A 372 -10.23 1.03 -25.83
CA TYR A 372 -11.51 0.41 -26.13
C TYR A 372 -11.77 -0.77 -25.20
N PHE A 373 -10.74 -1.58 -24.99
CA PHE A 373 -10.88 -2.78 -24.15
C PHE A 373 -11.21 -2.42 -22.70
N GLN A 374 -10.53 -1.41 -22.16
CA GLN A 374 -10.79 -0.96 -20.79
C GLN A 374 -12.26 -0.55 -20.61
N ARG A 375 -12.75 0.31 -21.50
CA ARG A 375 -14.13 0.80 -21.37
C ARG A 375 -15.15 -0.34 -21.55
N PHE A 376 -14.83 -1.30 -22.42
CA PHE A 376 -15.71 -2.45 -22.60
C PHE A 376 -15.74 -3.29 -21.35
N MET A 377 -14.57 -3.50 -20.75
CA MET A 377 -14.48 -4.33 -19.55
C MET A 377 -15.24 -3.73 -18.37
N GLN A 378 -15.22 -2.41 -18.29
CA GLN A 378 -15.93 -1.71 -17.23
C GLN A 378 -17.42 -2.02 -17.31
N ARG A 379 -17.89 -2.20 -18.55
CA ARG A 379 -19.30 -2.50 -18.79
C ARG A 379 -19.58 -4.00 -18.72
N PHE A 380 -18.63 -4.80 -19.20
CA PHE A 380 -18.75 -6.25 -19.16
C PHE A 380 -18.87 -6.69 -17.71
N ALA A 381 -18.18 -5.96 -16.83
CA ALA A 381 -18.20 -6.24 -15.40
C ALA A 381 -19.60 -6.16 -14.80
N GLU A 382 -20.15 -5.86 -15.09
CA GLU A 382 -21.51 -5.58 -14.64
C GLU A 382 -22.58 -6.30 -15.45
N LEU A 383 -22.48 -6.86 -16.31
CA LEU A 383 -23.46 -7.77 -16.93
C LEU A 383 -23.66 -9.06 -16.13
N ASP A 384 -24.84 -9.65 -16.26
CA ASP A 384 -25.17 -10.88 -15.56
C ASP A 384 -24.95 -12.14 -16.41
N GLY A 385 -24.22 -13.11 -15.85
CA GLY A 385 -24.07 -14.43 -16.45
C GLY A 385 -23.51 -14.47 -17.86
N ALA A 386 -22.58 -13.58 -18.15
CA ALA A 386 -22.05 -13.44 -19.51
C ALA A 386 -20.81 -14.30 -19.78
N TRP A 387 -20.17 -14.80 -18.72
CA TRP A 387 -19.06 -15.75 -18.86
C TRP A 387 -19.54 -17.03 -19.51
N LYS A 388 -18.79 -17.54 -20.49
CA LYS A 388 -19.09 -18.86 -21.04
C LYS A 388 -18.83 -19.91 -19.97
N GLU A 389 -17.64 -19.85 -19.38
CA GLU A 389 -17.29 -20.70 -18.25
C GLU A 389 -17.16 -19.82 -17.03
N PRO A 390 -18.17 -19.83 -16.14
CA PRO A 390 -18.02 -19.00 -14.94
C PRO A 390 -17.02 -19.60 -13.97
N PHE A 391 -16.74 -18.92 -12.86
CA PHE A 391 -15.78 -19.42 -11.89
C PHE A 391 -16.11 -20.83 -11.41
N ASP A 392 -15.14 -21.72 -11.53
CA ASP A 392 -15.25 -23.10 -11.11
C ASP A 392 -14.22 -23.33 -10.02
N ALA A 393 -14.68 -23.57 -8.79
CA ALA A 393 -13.78 -23.74 -7.64
C ALA A 393 -12.86 -24.93 -7.83
N GLN A 394 -13.28 -25.87 -8.66
CA GLN A 394 -12.47 -27.04 -9.01
C GLN A 394 -11.42 -26.71 -10.08
N ARG A 395 -11.59 -25.56 -10.73
CA ARG A 395 -10.61 -25.08 -11.70
C ARG A 395 -10.32 -23.58 -11.46
N PRO A 396 -9.82 -23.24 -10.25
CA PRO A 396 -9.71 -21.85 -9.82
C PRO A 396 -8.67 -21.05 -10.59
N LEU A 397 -7.83 -21.71 -11.39
CA LEU A 397 -6.81 -21.00 -12.15
C LEU A 397 -7.23 -20.73 -13.60
N ASP A 398 -8.24 -21.46 -14.07
CA ASP A 398 -8.58 -21.47 -15.48
C ASP A 398 -9.98 -20.92 -15.78
N THR A 399 -10.66 -20.49 -14.72
CA THR A 399 -11.99 -19.93 -14.85
C THR A 399 -12.05 -18.67 -14.01
N PRO A 400 -12.90 -17.70 -14.39
CA PRO A 400 -13.80 -17.72 -15.57
C PRO A 400 -13.07 -17.55 -16.91
N GLN A 401 -13.73 -17.94 -17.99
CA GLN A 401 -13.15 -17.85 -19.32
C GLN A 401 -14.26 -17.72 -20.36
N GLY A 402 -14.07 -16.83 -21.33
CA GLY A 402 -14.95 -16.75 -22.49
C GLY A 402 -16.22 -15.96 -22.30
N ILE A 403 -16.86 -15.62 -23.42
CA ILE A 403 -18.15 -14.93 -23.40
C ILE A 403 -19.23 -15.89 -23.89
N ALA A 404 -20.32 -15.99 -23.15
CA ALA A 404 -21.41 -16.91 -23.51
C ALA A 404 -22.21 -16.41 -24.71
N LEU A 405 -21.56 -16.34 -25.87
CA LEU A 405 -22.19 -15.80 -27.07
C LEU A 405 -23.33 -16.66 -27.61
N ASP A 406 -23.36 -17.94 -27.25
CA ASP A 406 -24.45 -18.82 -27.70
C ASP A 406 -25.75 -18.59 -26.92
N ARG A 407 -25.72 -17.67 -25.97
CA ARG A 407 -26.93 -17.24 -25.29
C ARG A 407 -27.35 -15.87 -25.81
N PRO A 408 -28.47 -15.82 -26.57
CA PRO A 408 -28.90 -14.63 -27.34
C PRO A 408 -28.96 -13.34 -26.51
N GLN A 409 -29.36 -13.44 -25.25
CA GLN A 409 -29.42 -12.27 -24.38
C GLN A 409 -28.03 -11.73 -24.08
N VAL A 410 -27.08 -12.65 -23.89
CA VAL A 410 -25.70 -12.25 -23.63
C VAL A 410 -25.10 -11.56 -24.84
N ALA A 411 -25.27 -12.20 -26.01
CA ALA A 411 -24.76 -11.66 -27.25
C ALA A 411 -25.30 -10.25 -27.48
N THR A 412 -26.58 -10.06 -27.22
CA THR A 412 -27.22 -8.75 -27.34
C THR A 412 -26.60 -7.71 -26.40
N GLN A 413 -26.47 -8.07 -25.12
CA GLN A 413 -25.91 -7.15 -24.12
C GLN A 413 -24.42 -6.87 -24.33
N VAL A 414 -23.67 -7.88 -24.77
CA VAL A 414 -22.24 -7.70 -24.99
C VAL A 414 -21.99 -6.75 -26.17
N ARG A 415 -22.79 -6.89 -27.22
CA ARG A 415 -22.66 -6.03 -28.38
C ARG A 415 -22.99 -4.60 -28.00
N GLN A 416 -24.06 -4.44 -27.21
CA GLN A 416 -24.45 -3.12 -26.73
C GLN A 416 -23.39 -2.52 -25.82
N ALA A 417 -22.77 -3.36 -25.00
CA ALA A 417 -21.70 -2.90 -24.11
C ALA A 417 -20.53 -2.37 -24.93
N LEU A 418 -20.24 -3.04 -26.05
CA LEU A 418 -19.17 -2.63 -26.92
C LEU A 418 -19.53 -1.34 -27.66
N ALA A 419 -20.78 -1.24 -28.10
CA ALA A 419 -21.24 -0.04 -28.78
C ALA A 419 -21.17 1.16 -27.85
N ASP A 420 -21.58 0.98 -26.60
CA ASP A 420 -21.53 2.06 -25.63
C ASP A 420 -20.09 2.43 -25.29
N ALA A 421 -19.24 1.43 -25.12
CA ALA A 421 -17.83 1.68 -24.85
C ALA A 421 -17.19 2.45 -26.01
N ALA A 422 -17.48 2.02 -27.24
CA ALA A 422 -16.94 2.68 -28.42
C ALA A 422 -17.38 4.15 -28.47
N ALA A 423 -18.65 4.38 -28.19
CA ALA A 423 -19.18 5.73 -28.15
C ALA A 423 -18.47 6.59 -27.11
N GLU A 424 -18.25 6.02 -25.93
CA GLU A 424 -17.58 6.75 -24.86
C GLU A 424 -16.17 7.12 -25.29
N VAL A 425 -15.45 6.14 -25.83
CA VAL A 425 -14.07 6.34 -26.28
C VAL A 425 -13.97 7.44 -27.34
N GLU A 426 -14.90 7.45 -28.27
CA GLU A 426 -14.83 8.38 -29.39
C GLU A 426 -15.26 9.81 -29.07
N LYS A 427 -16.03 10.00 -28.00
CA LYS A 427 -16.39 11.36 -27.62
C LYS A 427 -15.44 11.91 -26.57
N SER A 428 -14.37 11.16 -26.29
CA SER A 428 -13.23 11.68 -25.56
C SER A 428 -12.31 12.35 -26.58
N GLY A 429 -11.38 13.18 -26.10
CA GLY A 429 -10.54 13.95 -27.00
C GLY A 429 -9.34 13.23 -27.57
N ILE A 430 -9.46 11.94 -27.84
CA ILE A 430 -8.33 11.14 -28.31
C ILE A 430 -8.16 11.18 -29.84
N PRO A 431 -7.00 11.68 -30.29
CA PRO A 431 -6.61 11.87 -31.69
C PRO A 431 -6.65 10.61 -32.55
N ASP A 432 -6.22 10.74 -33.79
CA ASP A 432 -5.93 9.60 -34.66
C ASP A 432 -4.45 9.27 -34.47
N GLY A 433 -4.11 7.98 -34.59
CA GLY A 433 -2.74 7.54 -34.42
C GLY A 433 -2.37 7.24 -32.99
N ALA A 434 -2.87 8.07 -32.07
CA ALA A 434 -2.49 8.04 -30.65
C ALA A 434 -2.28 6.66 -30.04
N ARG A 435 -1.16 6.50 -29.35
CA ARG A 435 -0.85 5.25 -28.69
C ARG A 435 -0.98 5.47 -27.19
N TRP A 436 -0.91 4.39 -26.42
CA TRP A 436 -1.16 4.46 -24.98
C TRP A 436 -0.18 5.43 -24.28
N GLY A 437 1.07 5.43 -24.72
CA GLY A 437 2.08 6.29 -24.13
C GLY A 437 1.86 7.77 -24.41
N ASP A 438 1.07 8.07 -25.44
CA ASP A 438 0.71 9.45 -25.74
C ASP A 438 -0.34 9.93 -24.75
N LEU A 439 -0.99 8.98 -24.09
CA LEU A 439 -2.12 9.30 -23.22
C LEU A 439 -1.75 9.27 -21.74
N GLN A 440 -1.08 8.20 -21.33
CA GLN A 440 -0.77 8.04 -19.92
C GLN A 440 0.63 8.54 -19.60
N VAL A 441 0.70 9.54 -18.72
CA VAL A 441 1.97 10.23 -18.46
C VAL A 441 2.13 10.58 -17.00
N SER A 442 3.36 10.96 -16.64
CA SER A 442 3.59 11.56 -15.33
C SER A 442 4.16 12.95 -15.55
N THR A 443 3.50 13.95 -14.98
CA THR A 443 3.92 15.32 -15.18
C THR A 443 5.13 15.63 -14.29
N ARG A 444 6.11 16.30 -14.88
CA ARG A 444 7.31 16.73 -14.14
CA ARG A 444 7.32 16.73 -14.15
C ARG A 444 7.58 18.19 -14.49
N GLY A 445 7.25 19.08 -13.56
CA GLY A 445 7.32 20.51 -13.83
C GLY A 445 6.50 20.88 -15.04
N GLN A 446 7.12 21.54 -16.00
CA GLN A 446 6.43 21.96 -17.22
C GLN A 446 6.37 20.86 -18.27
N GLU A 447 6.90 19.68 -17.97
CA GLU A 447 7.02 18.60 -18.95
C GLU A 447 6.25 17.33 -18.57
N ARG A 448 6.19 16.37 -19.49
CA ARG A 448 5.57 15.07 -19.24
C ARG A 448 6.53 13.94 -19.60
N ILE A 449 6.34 12.80 -18.94
CA ILE A 449 7.03 11.57 -19.30
C ILE A 449 6.00 10.45 -19.51
N ALA A 450 6.07 9.77 -20.66
CA ALA A 450 5.15 8.67 -20.96
C ALA A 450 5.39 7.48 -20.03
N ILE A 451 4.32 6.89 -19.50
CA ILE A 451 4.44 5.81 -18.50
C ILE A 451 3.74 4.53 -18.96
N PRO A 452 4.48 3.43 -19.08
CA PRO A 452 3.91 2.14 -19.50
C PRO A 452 3.26 1.43 -18.32
N GLY A 453 2.36 0.50 -18.61
CA GLY A 453 1.61 -0.18 -17.57
C GLY A 453 0.14 0.22 -17.61
N GLY A 454 -0.70 -0.50 -16.87
CA GLY A 454 -2.12 -0.22 -16.88
C GLY A 454 -2.76 -0.75 -15.63
N ASP A 455 -4.06 -0.53 -15.45
CA ASP A 455 -4.70 -0.88 -14.18
C ASP A 455 -4.60 -2.37 -13.84
N GLY A 456 -4.30 -2.66 -12.58
CA GLY A 456 -4.15 -4.03 -12.12
C GLY A 456 -5.43 -4.84 -12.28
N HIS A 457 -6.57 -4.17 -12.23
CA HIS A 457 -7.85 -4.86 -12.40
C HIS A 457 -8.02 -5.45 -13.81
N PHE A 458 -7.20 -5.02 -14.75
CA PHE A 458 -7.23 -5.57 -16.12
C PHE A 458 -6.16 -6.64 -16.27
N GLY A 459 -5.52 -6.99 -15.16
CA GLY A 459 -4.54 -8.06 -15.16
C GLY A 459 -3.16 -7.65 -15.68
N VAL A 460 -2.85 -6.36 -15.60
CA VAL A 460 -1.52 -5.91 -15.98
C VAL A 460 -0.63 -6.05 -14.74
N TYR A 461 0.40 -6.89 -14.81
CA TYR A 461 1.27 -7.12 -13.65
C TYR A 461 1.92 -5.81 -13.23
N ASN A 462 2.45 -5.07 -14.21
CA ASN A 462 2.93 -3.72 -13.99
C ASN A 462 1.75 -2.79 -13.81
N ALA A 463 1.14 -2.81 -12.63
CA ALA A 463 -0.10 -2.07 -12.40
C ALA A 463 0.18 -0.58 -12.25
N ILE A 464 -0.54 0.22 -13.02
CA ILE A 464 -0.42 1.67 -12.97
C ILE A 464 -1.84 2.25 -12.93
N GLN A 465 -2.09 3.09 -11.93
CA GLN A 465 -3.39 3.77 -11.81
C GLN A 465 -3.24 5.23 -12.23
N SER A 466 -4.15 5.69 -13.09
CA SER A 466 -4.07 7.08 -13.55
C SER A 466 -5.44 7.73 -13.55
N VAL A 467 -5.47 9.06 -13.52
CA VAL A 467 -6.74 9.79 -13.51
C VAL A 467 -6.74 10.81 -14.64
N ARG A 468 -7.91 11.08 -15.22
CA ARG A 468 -8.00 12.04 -16.31
C ARG A 468 -7.69 13.44 -15.80
N LYS A 469 -6.72 14.10 -16.45
CA LYS A 469 -6.44 15.51 -16.18
C LYS A 469 -6.14 16.22 -17.50
N GLY A 470 -6.99 17.16 -17.87
CA GLY A 470 -6.85 17.84 -19.15
C GLY A 470 -6.83 16.87 -20.32
N ASP A 471 -5.77 16.94 -21.11
CA ASP A 471 -5.65 16.13 -22.31
C ASP A 471 -5.00 14.77 -22.06
N HIS A 472 -4.77 14.42 -20.80
CA HIS A 472 -4.00 13.23 -20.48
C HIS A 472 -4.51 12.44 -19.29
N LEU A 473 -3.97 11.23 -19.12
CA LEU A 473 -4.19 10.45 -17.91
C LEU A 473 -2.95 10.62 -17.03
N GLU A 474 -3.13 11.20 -15.84
CA GLU A 474 -1.99 11.43 -14.94
C GLU A 474 -1.79 10.25 -14.00
N VAL A 475 -0.59 9.69 -13.99
CA VAL A 475 -0.31 8.55 -13.08
C VAL A 475 -0.41 8.99 -11.62
N VAL A 476 -1.18 8.25 -10.81
CA VAL A 476 -1.27 8.58 -9.39
C VAL A 476 -0.69 7.50 -8.48
N GLY A 477 -0.59 6.28 -8.99
CA GLY A 477 -0.05 5.20 -8.16
C GLY A 477 0.22 3.95 -8.98
N GLY A 478 0.83 2.97 -8.33
CA GLY A 478 1.13 1.71 -9.00
C GLY A 478 2.55 1.32 -8.73
N THR A 479 3.14 0.62 -9.71
CA THR A 479 4.54 0.24 -9.64
C THR A 479 5.39 1.41 -9.16
N SER A 480 6.25 1.12 -8.19
CA SER A 480 6.87 2.17 -7.40
C SER A 480 8.32 1.80 -7.17
N TYR A 481 8.61 1.16 -6.04
CA TYR A 481 9.95 0.59 -5.81
C TYR A 481 9.98 -0.81 -6.40
N ILE A 482 10.88 -1.04 -7.34
CA ILE A 482 11.06 -2.37 -7.91
C ILE A 482 12.38 -2.93 -7.45
N GLN A 483 12.38 -4.15 -6.91
CA GLN A 483 13.66 -4.83 -6.66
C GLN A 483 13.58 -6.28 -7.02
N LEU A 484 14.62 -6.74 -7.72
CA LEU A 484 14.76 -8.13 -8.14
C LEU A 484 16.13 -8.58 -7.63
N VAL A 485 16.12 -9.53 -6.71
CA VAL A 485 17.35 -9.91 -6.00
C VAL A 485 17.71 -11.37 -6.23
N THR A 486 18.97 -11.60 -6.56
CA THR A 486 19.53 -12.95 -6.64
C THR A 486 20.78 -13.01 -5.76
N PHE A 487 21.33 -14.21 -5.56
CA PHE A 487 22.46 -14.37 -4.66
C PHE A 487 23.66 -15.10 -5.28
N PRO A 488 24.34 -14.45 -6.22
CA PRO A 488 25.59 -15.06 -6.69
C PRO A 488 26.66 -14.99 -5.61
N GLU A 489 27.77 -15.69 -5.81
CA GLU A 489 28.78 -15.87 -4.76
C GLU A 489 29.37 -14.58 -4.19
N GLU A 490 29.55 -13.57 -5.04
CA GLU A 490 30.16 -12.30 -4.63
C GLU A 490 29.35 -11.58 -3.55
N GLY A 491 28.04 -11.72 -3.63
CA GLY A 491 27.15 -10.98 -2.75
C GLY A 491 25.84 -10.80 -3.48
N PRO A 492 24.84 -10.24 -2.79
CA PRO A 492 23.51 -10.10 -3.41
C PRO A 492 23.55 -9.19 -4.62
N LYS A 493 22.88 -9.62 -5.68
CA LYS A 493 22.75 -8.81 -6.88
C LYS A 493 21.32 -8.32 -6.94
N ALA A 494 21.14 -7.02 -6.77
CA ALA A 494 19.79 -6.44 -6.82
C ALA A 494 19.70 -5.53 -8.01
N ARG A 495 18.52 -5.53 -8.63
CA ARG A 495 18.27 -4.79 -9.84
C ARG A 495 16.85 -4.23 -9.74
N GLY A 496 16.65 -3.02 -10.26
CA GLY A 496 15.35 -2.37 -10.14
C GLY A 496 15.38 -0.88 -10.39
N LEU A 497 14.41 -0.18 -9.80
CA LEU A 497 14.25 1.25 -10.02
C LEU A 497 13.26 1.75 -8.99
N LEU A 498 13.25 3.08 -8.78
CA LEU A 498 12.16 3.71 -8.05
C LEU A 498 11.46 4.53 -9.12
N ALA A 499 10.28 4.08 -9.54
CA ALA A 499 9.64 4.58 -10.76
C ALA A 499 9.49 6.09 -10.81
N PHE A 500 9.15 6.69 -9.67
CA PHE A 500 8.85 8.12 -9.64
C PHE A 500 10.07 8.95 -9.20
N SER A 501 11.21 8.28 -9.03
CA SER A 501 12.49 8.92 -8.66
C SER A 501 12.56 9.30 -7.17
N GLN A 502 13.78 9.53 -6.69
CA GLN A 502 13.99 9.72 -5.25
C GLN A 502 13.29 10.95 -4.68
N SER A 503 13.26 12.03 -5.45
CA SER A 503 12.78 13.30 -4.90
C SER A 503 11.44 13.74 -5.47
N SER A 504 10.56 14.22 -4.59
CA SER A 504 9.29 14.79 -4.99
C SER A 504 9.39 16.29 -5.31
N ASP A 505 10.59 16.85 -5.12
CA ASP A 505 10.78 18.27 -5.34
C ASP A 505 11.31 18.57 -6.76
N PRO A 506 10.60 19.41 -7.52
CA PRO A 506 10.99 19.71 -8.91
C PRO A 506 12.39 20.29 -9.02
N ARG A 507 12.92 20.80 -7.93
CA ARG A 507 14.24 21.43 -7.97
C ARG A 507 15.38 20.42 -7.90
N SER A 508 15.06 19.18 -7.53
CA SER A 508 16.09 18.18 -7.28
C SER A 508 16.63 17.58 -8.57
N PRO A 509 17.92 17.25 -8.59
CA PRO A 509 18.49 16.48 -9.70
C PRO A 509 17.88 15.08 -9.80
N HIS A 510 17.15 14.67 -8.76
CA HIS A 510 16.61 13.33 -8.69
C HIS A 510 15.09 13.33 -8.68
N TYR A 511 14.53 14.27 -9.42
CA TYR A 511 13.09 14.46 -9.54
C TYR A 511 12.50 13.61 -10.68
N ARG A 512 13.29 13.34 -11.70
CA ARG A 512 12.77 12.59 -12.84
C ARG A 512 13.78 11.66 -13.49
N ASP A 513 14.95 11.49 -12.89
CA ASP A 513 15.99 10.70 -13.53
C ASP A 513 15.61 9.21 -13.66
N GLN A 514 15.04 8.62 -12.61
CA GLN A 514 14.62 7.23 -12.71
C GLN A 514 13.30 7.11 -13.45
N THR A 515 12.55 8.19 -13.51
CA THR A 515 11.27 8.17 -14.22
C THR A 515 11.49 8.10 -15.73
N GLU A 516 12.53 8.78 -16.22
CA GLU A 516 12.93 8.62 -17.61
C GLU A 516 13.30 7.15 -17.87
N LEU A 517 14.02 6.53 -16.93
CA LEU A 517 14.41 5.13 -17.06
C LEU A 517 13.20 4.19 -16.99
N PHE A 518 12.25 4.51 -16.12
CA PHE A 518 11.04 3.69 -16.01
C PHE A 518 10.26 3.72 -17.32
N SER A 519 10.26 4.87 -17.98
CA SER A 519 9.53 5.04 -19.23
C SER A 519 10.06 4.05 -20.26
N ARG A 520 11.38 3.91 -20.30
CA ARG A 520 12.05 3.02 -21.25
C ARG A 520 12.21 1.62 -20.69
N GLN A 521 11.68 1.42 -19.48
CA GLN A 521 11.76 0.14 -18.77
C GLN A 521 13.20 -0.40 -18.69
N GLN A 522 14.12 0.48 -18.29
CA GLN A 522 15.53 0.11 -18.18
C GLN A 522 15.94 0.07 -16.69
N TRP A 523 15.84 -1.12 -16.10
CA TRP A 523 16.16 -1.26 -14.68
C TRP A 523 17.67 -1.17 -14.49
N GLN A 524 18.08 -0.88 -13.25
CA GLN A 524 19.48 -0.62 -12.96
C GLN A 524 19.98 -1.40 -11.74
N THR A 525 21.31 -1.44 -11.61
CA THR A 525 21.92 -2.04 -10.44
C THR A 525 21.55 -1.23 -9.21
N LEU A 526 21.22 -1.94 -8.13
CA LEU A 526 21.08 -1.34 -6.82
C LEU A 526 22.35 -1.71 -6.06
N PRO A 527 23.33 -0.79 -6.01
CA PRO A 527 24.65 -1.14 -5.46
C PRO A 527 24.62 -1.35 -3.95
N PHE A 528 25.16 -2.47 -3.47
CA PHE A 528 25.07 -2.82 -2.05
C PHE A 528 26.44 -3.01 -1.42
N SER A 529 27.35 -3.68 -2.12
CA SER A 529 28.67 -3.91 -1.55
C SER A 529 29.53 -2.66 -1.67
N ASP A 530 30.52 -2.53 -0.79
CA ASP A 530 31.44 -1.38 -0.86
C ASP A 530 32.09 -1.30 -2.25
N ARG A 531 32.37 -2.46 -2.84
CA ARG A 531 32.95 -2.54 -4.18
C ARG A 531 31.99 -2.01 -5.26
N GLN A 532 30.72 -2.37 -5.15
CA GLN A 532 29.71 -1.86 -6.08
C GLN A 532 29.55 -0.35 -5.93
N ILE A 533 29.51 0.10 -4.68
CA ILE A 533 29.33 1.51 -4.38
C ILE A 533 30.53 2.32 -4.87
N ASP A 534 31.73 1.85 -4.57
CA ASP A 534 32.93 2.55 -5.01
C ASP A 534 33.10 2.56 -6.53
N ALA A 535 32.46 1.64 -7.22
CA ALA A 535 32.55 1.58 -8.68
C ALA A 535 31.67 2.63 -9.38
N ASP A 536 30.77 3.27 -8.63
CA ASP A 536 29.86 4.27 -9.20
C ASP A 536 30.58 5.61 -9.48
N PRO A 537 30.65 6.02 -10.76
CA PRO A 537 31.35 7.25 -11.13
C PRO A 537 30.63 8.50 -10.60
N GLN A 538 29.39 8.33 -10.15
CA GLN A 538 28.62 9.43 -9.58
C GLN A 538 28.75 9.50 -8.06
N LEU A 539 29.66 8.71 -7.49
CA LEU A 539 29.77 8.61 -6.03
C LEU A 539 30.07 9.96 -5.38
N GLN A 540 29.33 10.27 -4.33
CA GLN A 540 29.60 11.47 -3.53
C GLN A 540 29.54 11.09 -2.07
N ARG A 541 30.34 11.75 -1.24
CA ARG A 541 30.39 11.39 0.18
C ARG A 541 30.34 12.63 1.04
N LEU A 542 29.62 12.54 2.15
CA LEU A 542 29.56 13.62 3.12
C LEU A 542 29.51 13.02 4.51
N SER A 543 30.33 13.52 5.42
CA SER A 543 30.24 13.10 6.82
C SER A 543 29.70 14.27 7.64
N ILE A 544 28.69 14.01 8.46
CA ILE A 544 28.06 15.06 9.28
C ILE A 544 28.04 14.67 10.76
N ARG A 545 28.13 15.67 11.64
CA ARG A 545 28.00 15.41 13.08
C ARG A 545 27.46 16.65 13.78
N GLU A 546 26.85 16.45 14.94
CA GLU A 546 26.52 17.57 15.83
C GLU A 546 26.38 17.05 17.24
N ALA A 547 26.45 17.94 18.24
CA ALA A 547 26.23 17.54 19.63
C ALA A 547 24.80 17.07 19.86
N ALA A 548 24.62 16.19 20.85
CA ALA A 548 23.28 15.72 21.21
C ALA A 548 22.44 16.84 21.83
N PRO B 1 32.74 10.95 22.11
CA PRO B 1 32.35 12.16 22.81
C PRO B 1 30.85 12.32 22.90
N THR B 2 30.28 12.63 21.74
CA THR B 2 28.85 12.87 21.58
C THR B 2 28.79 13.53 20.22
N GLY B 3 27.67 13.41 19.51
CA GLY B 3 26.58 12.57 19.91
C GLY B 3 26.21 11.82 18.70
N LEU B 4 25.79 12.59 17.69
CA LEU B 4 25.25 12.13 16.46
C LEU B 4 26.23 12.40 15.35
N ALA B 5 26.50 11.39 14.57
CA ALA B 5 27.41 11.43 13.48
C ALA B 5 27.08 10.37 12.49
N ALA B 6 27.20 10.69 11.21
CA ALA B 6 26.87 9.73 10.17
C ALA B 6 27.79 9.96 8.98
N ASP B 7 28.10 8.88 8.26
CA ASP B 7 28.82 9.00 7.02
C ASP B 7 27.85 8.65 5.93
N ILE B 8 27.67 9.54 4.97
CA ILE B 8 26.72 9.29 3.89
C ILE B 8 27.43 9.23 2.54
N ARG B 9 27.13 8.19 1.77
CA ARG B 9 27.54 8.11 0.38
C ARG B 9 26.31 8.10 -0.48
N TRP B 10 26.33 8.83 -1.59
CA TRP B 10 25.23 8.78 -2.56
C TRP B 10 25.76 8.17 -3.84
N THR B 11 25.02 7.22 -4.39
CA THR B 11 25.35 6.62 -5.68
C THR B 11 24.41 7.22 -6.71
N ALA B 12 24.43 6.70 -7.93
CA ALA B 12 23.58 7.26 -8.99
C ALA B 12 22.12 7.37 -8.56
N TYR B 13 21.45 8.40 -9.08
CA TYR B 13 20.02 8.65 -8.85
C TYR B 13 19.71 9.14 -7.44
N GLY B 14 20.77 9.48 -6.68
CA GLY B 14 20.60 10.07 -5.37
C GLY B 14 20.21 9.07 -4.28
N VAL B 15 20.67 7.84 -4.41
CA VAL B 15 20.41 6.82 -3.39
C VAL B 15 21.45 6.95 -2.27
N PRO B 16 21.00 7.22 -1.03
CA PRO B 16 21.98 7.37 0.07
C PRO B 16 22.33 6.05 0.75
N HIS B 17 23.59 5.93 1.13
CA HIS B 17 24.11 4.80 1.87
C HIS B 17 24.66 5.37 3.16
N ILE B 18 23.98 5.08 4.26
CA ILE B 18 24.27 5.72 5.52
C ILE B 18 25.03 4.74 6.42
N ARG B 19 26.18 5.16 6.94
CA ARG B 19 26.96 4.36 7.89
C ARG B 19 27.08 5.10 9.20
N ALA B 20 26.82 4.40 10.31
CA ALA B 20 26.96 5.02 11.63
C ALA B 20 27.30 3.95 12.63
N LYS B 21 27.73 4.35 13.82
CA LYS B 21 28.14 3.37 14.83
C LYS B 21 27.00 2.99 15.77
N ASP B 22 25.88 3.69 15.64
CA ASP B 22 24.74 3.41 16.50
C ASP B 22 23.46 3.91 15.88
N GLU B 23 22.33 3.64 16.53
CA GLU B 23 21.04 3.98 15.93
C GLU B 23 20.85 5.49 15.81
N ARG B 24 21.28 6.14 16.84
CA ARG B 24 21.18 7.68 16.80
CA ARG B 24 21.25 7.58 16.83
C ARG B 24 21.93 8.43 15.58
N GLY B 25 23.14 7.88 15.36
CA GLY B 25 23.89 8.37 14.21
C GLY B 25 23.23 7.88 12.91
N LEU B 26 22.69 6.67 12.92
CA LEU B 26 22.06 6.14 11.72
C LEU B 26 20.84 6.97 11.36
N GLY B 27 20.01 7.27 12.35
CA GLY B 27 18.82 8.09 12.15
C GLY B 27 19.22 9.46 11.65
N TYR B 28 20.29 10.00 12.21
CA TYR B 28 20.82 11.31 11.80
C TYR B 28 21.06 11.35 10.30
N GLY B 29 21.74 10.33 9.79
CA GLY B 29 22.03 10.24 8.37
C GLY B 29 20.78 10.11 7.51
N ILE B 30 19.84 9.26 7.95
CA ILE B 30 18.58 9.08 7.23
C ILE B 30 17.78 10.37 7.17
N GLY B 31 17.64 11.04 8.31
CA GLY B 31 16.85 12.26 8.35
C GLY B 31 17.43 13.35 7.46
N TYR B 32 18.76 13.46 7.47
CA TYR B 32 19.42 14.48 6.64
C TYR B 32 19.27 14.17 5.15
N ALA B 33 19.55 12.93 4.79
CA ALA B 33 19.44 12.53 3.37
C ALA B 33 18.00 12.66 2.88
N TYR B 34 17.04 12.22 3.69
CA TYR B 34 15.65 12.29 3.24
C TYR B 34 15.21 13.75 3.09
N ALA B 35 15.63 14.60 4.02
CA ALA B 35 15.29 16.03 3.93
C ALA B 35 15.82 16.67 2.65
N ARG B 36 17.03 16.30 2.22
CA ARG B 36 17.62 16.87 1.02
C ARG B 36 16.72 16.66 -0.18
N ASP B 37 16.09 15.48 -0.24
CA ASP B 37 15.20 15.11 -1.34
C ASP B 37 13.72 15.46 -1.14
N ASN B 38 13.28 15.47 0.11
CA ASN B 38 11.83 15.46 0.35
C ASN B 38 11.36 16.25 1.56
N ALA B 39 12.06 17.32 1.91
CA ALA B 39 11.70 18.12 3.08
C ALA B 39 10.26 18.62 3.01
N CYS B 40 9.88 19.11 1.83
CA CYS B 40 8.54 19.69 1.67
C CYS B 40 7.47 18.63 1.84
N LEU B 41 7.68 17.46 1.26
CA LEU B 41 6.72 16.35 1.41
C LEU B 41 6.54 16.01 2.87
N LEU B 42 7.65 15.82 3.60
CA LEU B 42 7.52 15.43 4.99
C LEU B 42 6.82 16.50 5.80
N ALA B 43 7.14 17.76 5.51
CA ALA B 43 6.57 18.86 6.29
C ALA B 43 5.05 18.90 6.06
N GLU B 44 4.64 18.75 4.80
CA GLU B 44 3.21 18.71 4.47
CA GLU B 44 3.22 18.71 4.46
C GLU B 44 2.49 17.57 5.18
N GLU B 45 3.11 16.38 5.16
CA GLU B 45 2.45 15.21 5.75
C GLU B 45 2.43 15.27 7.27
N ILE B 46 3.44 15.92 7.85
CA ILE B 46 3.42 16.18 9.28
C ILE B 46 2.30 17.17 9.65
N VAL B 47 2.09 18.20 8.85
CA VAL B 47 0.95 19.12 9.09
C VAL B 47 -0.34 18.31 9.12
N THR B 48 -0.48 17.40 8.15
CA THR B 48 -1.66 16.53 8.12
C THR B 48 -1.78 15.71 9.40
N ALA B 49 -0.70 15.07 9.81
CA ALA B 49 -0.78 14.12 10.93
C ALA B 49 -0.92 14.86 12.26
N ARG B 50 -0.56 16.15 12.26
CA ARG B 50 -0.77 17.02 13.44
C ARG B 50 -2.17 17.60 13.45
N GLY B 51 -2.92 17.34 12.39
CA GLY B 51 -4.26 17.91 12.28
C GLY B 51 -4.24 19.43 12.19
N GLU B 52 -3.31 19.96 11.41
CA GLU B 52 -3.19 21.40 11.26
C GLU B 52 -3.42 21.90 9.84
N ARG B 53 -4.03 21.07 9.00
CA ARG B 53 -4.22 21.48 7.60
C ARG B 53 -5.09 22.71 7.49
N ALA B 54 -6.18 22.77 8.24
CA ALA B 54 -7.08 23.92 8.11
C ALA B 54 -6.43 25.19 8.64
N ARG B 55 -5.52 25.05 9.60
CA ARG B 55 -4.85 26.20 10.18
C ARG B 55 -3.96 26.88 9.15
N TYR B 56 -3.28 26.09 8.32
CA TYR B 56 -2.36 26.64 7.33
C TYR B 56 -3.03 26.91 5.98
N PHE B 57 -4.01 26.07 5.63
CA PHE B 57 -4.53 26.07 4.26
C PHE B 57 -6.03 26.36 4.12
N GLY B 58 -6.74 26.47 5.23
CA GLY B 58 -8.15 26.77 5.16
C GLY B 58 -9.01 25.52 4.94
N SER B 59 -10.33 25.71 4.94
CA SER B 59 -11.27 24.60 4.90
C SER B 59 -11.53 24.05 3.50
N GLU B 60 -11.18 24.83 2.46
CA GLU B 60 -11.49 24.41 1.09
C GLU B 60 -10.51 23.36 0.51
N GLY B 61 -9.34 23.21 1.12
CA GLY B 61 -8.34 22.30 0.58
C GLY B 61 -8.49 20.86 1.03
N LYS B 62 -7.62 20.00 0.51
CA LYS B 62 -7.62 18.57 0.88
C LYS B 62 -6.21 18.13 1.20
N SER B 63 -6.09 17.00 1.89
CA SER B 63 -4.78 16.39 2.16
C SER B 63 -4.36 15.59 0.93
N SER B 64 -3.16 15.01 0.98
CA SER B 64 -2.71 14.17 -0.14
C SER B 64 -3.45 12.84 -0.17
N ALA B 65 -4.22 12.54 0.87
CA ALA B 65 -5.08 11.34 0.86
C ALA B 65 -6.46 11.71 0.32
N GLU B 66 -6.59 12.95 -0.14
CA GLU B 66 -7.84 13.49 -0.70
C GLU B 66 -8.99 13.63 0.32
N LEU B 67 -8.66 13.75 1.61
CA LEU B 67 -9.66 14.09 2.63
C LEU B 67 -9.76 15.62 2.77
N ASP B 68 -10.96 16.16 2.97
CA ASP B 68 -11.12 17.59 3.25
C ASP B 68 -10.28 17.96 4.46
N ASN B 69 -9.74 19.18 4.46
CA ASN B 69 -8.84 19.61 5.53
C ASN B 69 -9.43 19.53 6.94
N LEU B 70 -10.66 20.00 7.13
CA LEU B 70 -11.21 20.02 8.49
C LEU B 70 -11.52 18.59 9.01
N PRO B 71 -12.24 17.76 8.22
CA PRO B 71 -12.45 16.38 8.70
C PRO B 71 -11.13 15.65 8.91
N SER B 72 -10.16 15.85 8.02
CA SER B 72 -8.84 15.23 8.22
C SER B 72 -8.24 15.68 9.55
N ASP B 73 -8.33 16.98 9.83
CA ASP B 73 -7.73 17.53 11.06
C ASP B 73 -8.41 16.97 12.30
N ILE B 74 -9.74 16.87 12.24
CA ILE B 74 -10.47 16.30 13.37
C ILE B 74 -10.02 14.87 13.60
N PHE B 75 -9.93 14.09 12.53
CA PHE B 75 -9.48 12.71 12.65
C PHE B 75 -8.08 12.62 13.23
N TYR B 76 -7.13 13.40 12.72
CA TYR B 76 -5.76 13.28 13.26
C TYR B 76 -5.57 13.90 14.63
N ALA B 77 -6.35 14.92 14.97
CA ALA B 77 -6.34 15.43 16.34
C ALA B 77 -6.85 14.36 17.30
N TRP B 78 -7.87 13.62 16.86
CA TRP B 78 -8.40 12.52 17.67
C TRP B 78 -7.37 11.39 17.79
N LEU B 79 -6.79 10.99 16.67
CA LEU B 79 -5.87 9.85 16.65
C LEU B 79 -4.60 10.15 17.42
N ASN B 80 -4.04 11.33 17.18
CA ASN B 80 -2.73 11.68 17.73
C ASN B 80 -2.79 12.59 18.95
N GLN B 81 -3.72 12.29 19.85
CA GLN B 81 -3.83 13.03 21.11
C GLN B 81 -2.56 12.85 21.90
N PRO B 82 -2.24 13.83 22.76
CA PRO B 82 -1.00 13.75 23.54
C PRO B 82 -0.84 12.45 24.33
N GLU B 83 -1.92 11.97 24.95
CA GLU B 83 -1.82 10.77 25.78
C GLU B 83 -1.51 9.54 24.92
N ALA B 84 -2.03 9.49 23.70
CA ALA B 84 -1.76 8.39 22.79
C ALA B 84 -0.30 8.41 22.33
N LEU B 85 0.21 9.60 22.02
CA LEU B 85 1.59 9.70 21.59
C LEU B 85 2.52 9.30 22.71
N GLN B 86 2.19 9.70 23.93
CA GLN B 86 3.12 9.43 25.02
C GLN B 86 3.11 7.95 25.37
N ALA B 87 1.94 7.31 25.35
CA ALA B 87 1.88 5.87 25.59
C ALA B 87 2.70 5.15 24.53
N PHE B 88 2.60 5.61 23.29
CA PHE B 88 3.32 4.97 22.19
C PHE B 88 4.83 5.09 22.37
N TRP B 89 5.30 6.29 22.69
CA TRP B 89 6.72 6.53 22.94
C TRP B 89 7.22 5.66 24.09
N GLN B 90 6.42 5.58 25.15
CA GLN B 90 6.87 4.86 26.34
C GLN B 90 7.03 3.38 26.06
N ALA B 91 6.33 2.86 25.05
CA ALA B 91 6.43 1.45 24.69
C ALA B 91 7.57 1.15 23.72
N GLN B 92 8.30 2.19 23.28
CA GLN B 92 9.37 2.00 22.30
C GLN B 92 10.66 1.55 22.96
N THR B 93 11.39 0.66 22.30
CA THR B 93 12.72 0.24 22.79
C THR B 93 13.70 1.41 22.69
N PRO B 94 14.80 1.34 23.46
CA PRO B 94 15.85 2.36 23.35
C PRO B 94 16.35 2.51 21.92
N ALA B 95 16.52 1.39 21.20
CA ALA B 95 17.02 1.47 19.84
C ALA B 95 16.11 2.29 18.93
N VAL B 96 14.80 2.06 19.06
CA VAL B 96 13.87 2.75 18.18
C VAL B 96 13.79 4.21 18.57
N ARG B 97 13.78 4.48 19.88
CA ARG B 97 13.82 5.88 20.34
C ARG B 97 15.01 6.63 19.74
N GLN B 98 16.16 5.96 19.73
CA GLN B 98 17.39 6.54 19.22
C GLN B 98 17.32 6.76 17.71
N LEU B 99 16.73 5.81 16.99
CA LEU B 99 16.55 5.99 15.54
C LEU B 99 15.75 7.25 15.27
N LEU B 100 14.67 7.41 16.04
CA LEU B 100 13.75 8.54 15.83
C LEU B 100 14.39 9.86 16.25
N GLU B 101 15.10 9.85 17.37
CA GLU B 101 15.79 11.07 17.81
C GLU B 101 16.81 11.51 16.77
N GLY B 102 17.57 10.57 16.23
CA GLY B 102 18.56 10.90 15.21
C GLY B 102 17.88 11.46 13.95
N TYR B 103 16.81 10.81 13.50
CA TYR B 103 16.09 11.23 12.29
C TYR B 103 15.64 12.69 12.41
N ALA B 104 14.98 13.01 13.51
CA ALA B 104 14.52 14.39 13.73
C ALA B 104 15.70 15.35 13.69
N ALA B 105 16.80 14.99 14.36
CA ALA B 105 17.94 15.90 14.38
C ALA B 105 18.57 16.08 12.98
N GLY B 106 18.59 15.02 12.18
CA GLY B 106 19.17 15.09 10.86
C GLY B 106 18.32 15.90 9.89
N PHE B 107 17.02 15.71 9.97
CA PHE B 107 16.08 16.46 9.14
C PHE B 107 16.24 17.93 9.50
N ASN B 108 16.29 18.21 10.81
CA ASN B 108 16.43 19.60 11.25
C ASN B 108 17.75 20.24 10.86
N ARG B 109 18.82 19.44 10.85
CA ARG B 109 20.11 19.97 10.40
C ARG B 109 20.01 20.43 8.96
N PHE B 110 19.39 19.62 8.11
CA PHE B 110 19.25 20.03 6.72
C PHE B 110 18.44 21.33 6.63
N LEU B 111 17.34 21.42 7.38
CA LEU B 111 16.52 22.63 7.33
C LEU B 111 17.32 23.88 7.72
N ARG B 112 18.21 23.76 8.71
CA ARG B 112 19.01 24.90 9.15
C ARG B 112 19.90 25.41 8.03
N GLU B 113 20.35 24.49 7.17
CA GLU B 113 21.33 24.83 6.13
C GLU B 113 20.71 25.09 4.75
N ALA B 114 19.45 24.75 4.58
CA ALA B 114 18.80 24.78 3.27
C ALA B 114 18.78 26.16 2.67
N ASP B 115 19.24 26.27 1.42
CA ASP B 115 19.20 27.56 0.74
C ASP B 115 18.29 27.53 -0.47
N GLY B 116 17.53 26.45 -0.63
CA GLY B 116 16.58 26.36 -1.72
C GLY B 116 17.04 25.52 -2.90
N LYS B 117 18.28 25.05 -2.85
CA LYS B 117 18.81 24.26 -3.95
C LYS B 117 17.95 23.04 -4.31
N THR B 118 17.43 22.35 -3.31
CA THR B 118 16.56 21.20 -3.57
C THR B 118 15.26 21.26 -2.78
N THR B 119 14.86 22.47 -2.36
CA THR B 119 13.69 22.64 -1.50
C THR B 119 12.82 23.81 -2.00
N SER B 120 11.65 23.48 -2.53
CA SER B 120 10.79 24.47 -3.17
C SER B 120 9.91 25.28 -2.21
N CYS B 121 9.82 24.83 -0.96
CA CYS B 121 8.89 25.43 0.01
C CYS B 121 9.63 26.28 1.02
N LEU B 122 10.86 26.64 0.68
CA LEU B 122 11.64 27.52 1.53
C LEU B 122 10.83 28.78 1.89
N GLY B 123 10.79 29.11 3.17
CA GLY B 123 10.07 30.29 3.62
C GLY B 123 8.62 30.09 4.03
N GLN B 124 8.04 28.94 3.70
CA GLN B 124 6.66 28.65 4.11
C GLN B 124 6.58 28.46 5.62
N PRO B 125 5.52 28.98 6.26
CA PRO B 125 5.43 28.90 7.71
C PRO B 125 5.29 27.46 8.22
N TRP B 126 4.81 26.56 7.36
CA TRP B 126 4.65 25.16 7.73
C TRP B 126 5.91 24.31 7.54
N LEU B 127 6.96 24.89 6.98
CA LEU B 127 8.24 24.17 6.89
C LEU B 127 9.04 24.52 8.14
N ARG B 128 9.06 23.61 9.11
CA ARG B 128 9.62 23.91 10.42
C ARG B 128 10.37 22.73 10.99
N ALA B 129 11.22 22.99 11.98
CA ALA B 129 11.94 21.92 12.66
C ALA B 129 10.95 20.90 13.21
N ILE B 130 11.30 19.62 13.15
CA ILE B 130 10.37 18.59 13.60
C ILE B 130 10.80 17.99 14.91
N ALA B 131 9.87 17.30 15.56
CA ALA B 131 10.16 16.64 16.84
C ALA B 131 9.94 15.15 16.69
N THR B 132 10.48 14.35 17.61
CA THR B 132 10.18 12.93 17.58
C THR B 132 8.67 12.66 17.60
N ASP B 133 7.90 13.46 18.35
CA ASP B 133 6.44 13.30 18.35
C ASP B 133 5.86 13.40 16.94
N ASP B 134 6.45 14.24 16.08
CA ASP B 134 5.95 14.35 14.70
C ASP B 134 6.15 13.04 13.97
N LEU B 135 7.28 12.38 14.21
CA LEU B 135 7.48 11.07 13.58
C LEU B 135 6.52 10.03 14.16
N LEU B 136 6.20 10.11 15.45
CA LEU B 136 5.18 9.23 16.03
C LEU B 136 3.83 9.47 15.35
N ARG B 137 3.54 10.72 15.03
CA ARG B 137 2.26 11.06 14.39
C ARG B 137 2.16 10.43 13.01
N LEU B 138 3.24 10.49 12.26
CA LEU B 138 3.30 9.87 10.94
C LEU B 138 3.20 8.36 11.05
N THR B 139 3.90 7.78 12.03
CA THR B 139 3.86 6.33 12.23
C THR B 139 2.44 5.86 12.53
N ARG B 140 1.76 6.55 13.42
CA ARG B 140 0.41 6.14 13.81
C ARG B 140 -0.59 6.32 12.67
N ARG B 141 -0.41 7.38 11.89
CA ARG B 141 -1.21 7.59 10.68
C ARG B 141 -1.09 6.38 9.74
N LEU B 142 0.12 5.88 9.56
CA LEU B 142 0.32 4.70 8.71
C LEU B 142 -0.21 3.43 9.36
N LEU B 143 -0.04 3.33 10.68
CA LEU B 143 -0.48 2.16 11.44
C LEU B 143 -1.96 1.84 11.19
N VAL B 144 -2.79 2.87 11.14
CA VAL B 144 -4.24 2.67 11.07
C VAL B 144 -4.80 2.71 9.64
N GLU B 145 -3.89 2.77 8.72
CA GLU B 145 -4.33 2.69 7.24
CA GLU B 145 -4.32 2.60 7.35
C GLU B 145 -5.20 1.37 6.79
N GLY B 146 -4.96 0.36 7.63
CA GLY B 146 -5.70 -0.87 7.41
C GLY B 146 -6.94 -0.99 8.28
N GLY B 147 -7.26 0.09 8.97
CA GLY B 147 -8.32 0.06 9.97
C GLY B 147 -9.08 1.37 10.06
N VAL B 148 -9.03 2.02 11.22
CA VAL B 148 -9.87 3.20 11.44
C VAL B 148 -9.52 4.34 10.48
N GLY B 149 -8.30 4.32 9.93
CA GLY B 149 -7.91 5.31 8.92
C GLY B 149 -8.82 5.31 7.71
N GLN B 150 -9.34 4.15 7.33
CA GLN B 150 -10.22 4.05 6.17
CA GLN B 150 -10.21 4.06 6.16
C GLN B 150 -11.62 4.55 6.47
N PHE B 151 -11.88 4.84 7.74
CA PHE B 151 -13.18 5.32 8.20
C PHE B 151 -13.08 6.74 8.78
N ALA B 152 -12.04 7.47 8.38
CA ALA B 152 -11.85 8.82 8.91
C ALA B 152 -13.07 9.70 8.69
N ASP B 153 -13.57 9.75 7.45
CA ASP B 153 -14.77 10.54 7.16
C ASP B 153 -15.96 10.06 7.98
N ALA B 154 -16.07 8.74 8.14
CA ALA B 154 -17.22 8.14 8.83
C ALA B 154 -17.17 8.44 10.33
N LEU B 155 -15.97 8.51 10.89
CA LEU B 155 -15.82 8.89 12.29
C LEU B 155 -16.27 10.33 12.47
N VAL B 156 -15.82 11.22 11.59
CA VAL B 156 -16.14 12.63 11.70
C VAL B 156 -17.65 12.85 11.55
N ALA B 157 -18.27 12.00 10.73
CA ALA B 157 -19.71 12.11 10.46
C ALA B 157 -20.63 11.56 11.55
N ALA B 158 -20.06 10.85 12.53
CA ALA B 158 -20.90 10.16 13.51
C ALA B 158 -21.49 11.10 14.57
N ALA B 159 -22.78 11.41 14.43
CA ALA B 159 -23.47 12.27 15.38
C ALA B 159 -24.81 11.61 15.73
N PRO B 160 -25.27 11.78 16.98
CA PRO B 160 -26.51 11.09 17.37
C PRO B 160 -27.72 11.68 16.66
N PRO B 161 -28.82 10.92 16.59
CA PRO B 161 -30.00 11.40 15.90
C PRO B 161 -30.65 12.59 16.59
N GLY B 162 -31.42 13.37 15.83
CA GLY B 162 -32.18 14.47 16.40
C GLY B 162 -33.59 14.02 16.72
N ALA B 163 -34.57 14.84 16.35
CA ALA B 163 -35.96 14.55 16.68
C ALA B 163 -36.74 13.89 15.54
N GLU B 164 -36.02 13.37 14.54
CA GLU B 164 -36.62 12.97 13.26
C GLU B 164 -37.54 11.75 13.27
N LYS B 165 -38.37 11.70 12.23
CA LYS B 165 -39.22 10.55 11.93
C LYS B 165 -38.83 9.97 10.57
#